data_7C0W
#
_entry.id   7C0W
#
_cell.length_a   65.960
_cell.length_b   58.060
_cell.length_c   103.080
_cell.angle_alpha   90.000
_cell.angle_beta   93.250
_cell.angle_gamma   90.000
#
_symmetry.space_group_name_H-M   'P 1 21 1'
#
loop_
_entity.id
_entity.type
_entity.pdbx_description
1 polymer 'Sugar ABC transporter, periplasmic sugar-binding protein'
2 non-polymer 'SODIUM ION'
3 non-polymer 'CARBON DIOXIDE'
4 non-polymer 1,2-ETHANEDIOL
5 non-polymer GLYCEROL
6 non-polymer '[(1S,3R,3aR,6aS)-3-(2-azanyl-6-oxidanylidene-1H-purin-9-yl)-5,5-bis(oxidanyl)-1,3,3a,4,6,6a-hexahydrocyclopenta[c]furan-1-yl]methyl [(2R,3S,4R,5R)-5-[2,4-bis(oxidanylidene)pyrimidin-1-yl]-2-(hydroxymethyl)-4-oxidanyl-oxolan-3-yl] hydrogen phosphate'
7 water water
#
_entity_poly.entity_id   1
_entity_poly.type   'polypeptide(L)'
_entity_poly.pdbx_seq_one_letter_code
;MMKPEDVIKEQCARAKVVAELWHGFTGGAPKAALENLVVEFNKAQQGRCVRPVPQGGYRDLSTKIKAAFAAGKVPTMAQA
FENNIALYLEAKALLPIESLGVKLQGVNLTFLNAVRFGGVVYGVPFNKSIQVLYYNKDLLKKHGVPVPATLEEFVAAAKK
LSRAEGGPVYWFQPDASTFAYFFFNLGGSYLKDGKLVLNSKEAVEALTLLQNGVKEGWAKPITSGAINQNLGSGPYAFSV
DTSAGYTYYLRAAKFDLGVATLPGRTKGQPGYGLVQGTNLVVFRQASKEEQAVAKDFLEFVLSPRAQAVFATATGYVPVT
EGALKDPVYQAYAAENPDYATIVRQSRYAKFEPALAEWEQIRFDILGQAIKEAILNKADPKAALDRAQKLAEDLLSSRTR
HHHHHH
;
_entity_poly.pdbx_strand_id   A,B
#
loop_
_chem_comp.id
_chem_comp.type
_chem_comp.name
_chem_comp.formula
CO2 non-polymer 'CARBON DIOXIDE' 'C O2'
EDO non-polymer 1,2-ETHANEDIOL 'C2 H6 O2'
FGO non-polymer '[(1S,3R,3aR,6aS)-3-(2-azanyl-6-oxidanylidene-1H-purin-9-yl)-5,5-bis(oxidanyl)-1,3,3a,4,6,6a-hexahydrocyclopenta[c]furan-1-yl]methyl [(2R,3S,4R,5R)-5-[2,4-bis(oxidanylidene)pyrimidin-1-yl]-2-(hydroxymethyl)-4-oxidanyl-oxolan-3-yl] hydrogen phosphate' 'C22 H28 N7 O13 P'
GOL non-polymer GLYCEROL 'C3 H8 O3'
NA non-polymer 'SODIUM ION' 'Na 1'
#
# COMPACT_ATOMS: atom_id res chain seq x y z
N MET A 2 7.84 32.02 -5.19
CA MET A 2 8.46 30.60 -5.13
C MET A 2 8.46 30.08 -3.68
N LYS A 3 7.78 28.97 -3.43
CA LYS A 3 7.67 28.36 -2.09
C LYS A 3 9.06 27.86 -1.70
N PRO A 4 9.33 27.68 -0.38
CA PRO A 4 10.62 27.18 0.07
C PRO A 4 10.88 25.76 -0.46
N GLU A 5 9.86 24.91 -0.67
CA GLU A 5 10.04 23.55 -1.24
C GLU A 5 10.53 23.66 -2.69
N ASP A 6 10.16 24.72 -3.43
CA ASP A 6 10.72 25.04 -4.77
C ASP A 6 12.22 25.36 -4.66
N VAL A 7 12.57 26.28 -3.77
CA VAL A 7 14.00 26.61 -3.51
C VAL A 7 14.75 25.32 -3.16
N ILE A 8 14.20 24.46 -2.29
CA ILE A 8 14.93 23.21 -1.89
C ILE A 8 15.09 22.29 -3.13
N LYS A 9 14.04 22.16 -3.96
CA LYS A 9 14.05 21.25 -5.14
C LYS A 9 15.24 21.65 -6.01
N GLU A 10 15.50 22.96 -6.07
CA GLU A 10 16.58 23.58 -6.88
C GLU A 10 17.93 23.33 -6.23
N GLN A 11 18.08 23.64 -4.94
CA GLN A 11 19.33 23.39 -4.19
C GLN A 11 19.71 21.93 -4.43
N CYS A 12 18.73 21.04 -4.32
CA CYS A 12 18.95 19.57 -4.34
C CYS A 12 19.43 19.13 -5.73
N ALA A 13 19.04 19.88 -6.77
CA ALA A 13 19.29 19.58 -8.20
C ALA A 13 20.78 19.76 -8.48
N ARG A 14 21.35 20.78 -7.84
CA ARG A 14 22.74 21.22 -8.03
C ARG A 14 23.67 20.59 -6.99
N ALA A 15 23.17 19.68 -6.14
CA ALA A 15 23.93 18.98 -5.07
C ALA A 15 24.45 17.62 -5.61
N LYS A 16 25.61 17.19 -5.13
CA LYS A 16 26.19 15.85 -5.42
C LYS A 16 25.79 14.83 -4.35
N VAL A 17 25.35 15.26 -3.17
CA VAL A 17 24.74 14.33 -2.20
C VAL A 17 23.47 14.98 -1.65
N VAL A 18 22.41 14.18 -1.66
CA VAL A 18 21.07 14.61 -1.16
C VAL A 18 20.69 13.60 -0.10
N ALA A 19 20.40 14.07 1.11
CA ALA A 19 19.91 13.23 2.22
C ALA A 19 18.41 13.48 2.32
N GLU A 20 17.60 12.47 1.97
CA GLU A 20 16.12 12.51 2.09
C GLU A 20 15.68 12.43 3.57
N LEU A 21 14.75 13.27 3.91
CA LEU A 21 14.14 13.36 5.27
C LEU A 21 12.64 13.20 5.11
N TRP A 22 12.10 12.01 5.39
CA TRP A 22 10.66 11.73 5.29
C TRP A 22 9.99 12.30 6.55
N HIS A 23 8.98 13.13 6.35
CA HIS A 23 8.27 13.81 7.47
C HIS A 23 6.79 13.69 7.25
N GLY A 24 6.04 14.09 8.30
CA GLY A 24 4.59 13.89 8.37
C GLY A 24 3.86 15.21 8.57
N PHE A 25 4.49 16.31 8.15
CA PHE A 25 3.84 17.65 8.16
C PHE A 25 3.08 17.80 6.85
N THR A 26 1.79 18.05 6.91
CA THR A 26 0.88 18.19 5.76
C THR A 26 0.77 19.65 5.33
N GLY A 27 1.06 20.61 6.22
CA GLY A 27 1.13 22.03 5.85
C GLY A 27 1.24 22.92 7.07
N GLY A 28 0.65 24.12 7.00
CA GLY A 28 0.67 25.16 8.03
C GLY A 28 2.09 25.54 8.47
N ALA A 29 2.18 26.21 9.62
CA ALA A 29 3.45 26.62 10.27
C ALA A 29 4.46 25.47 10.38
N PRO A 30 4.10 24.24 10.81
CA PRO A 30 5.11 23.19 10.97
C PRO A 30 5.83 22.87 9.64
N LYS A 31 5.08 22.65 8.54
CA LYS A 31 5.66 22.40 7.18
C LYS A 31 6.56 23.57 6.75
N ALA A 32 6.08 24.81 6.90
CA ALA A 32 6.85 26.03 6.51
C ALA A 32 8.16 26.11 7.30
N ALA A 33 8.08 25.96 8.62
CA ALA A 33 9.24 26.09 9.51
C ALA A 33 10.29 25.01 9.17
N LEU A 34 9.86 23.78 8.93
CA LEU A 34 10.80 22.69 8.55
C LEU A 34 11.55 23.08 7.29
N GLU A 35 10.81 23.49 6.26
CA GLU A 35 11.37 23.80 4.93
C GLU A 35 12.32 25.01 5.06
N ASN A 36 11.91 26.07 5.76
CA ASN A 36 12.74 27.27 5.97
C ASN A 36 14.07 26.90 6.64
N LEU A 37 14.01 26.04 7.63
CA LEU A 37 15.20 25.50 8.35
C LEU A 37 16.09 24.79 7.32
N VAL A 38 15.50 23.98 6.42
CA VAL A 38 16.26 23.19 5.40
C VAL A 38 16.91 24.10 4.36
N VAL A 39 16.18 25.12 3.91
CA VAL A 39 16.69 26.11 2.93
C VAL A 39 17.99 26.68 3.51
N GLU A 40 17.94 27.09 4.79
CA GLU A 40 19.07 27.76 5.47
C GLU A 40 20.25 26.77 5.57
N PHE A 41 19.99 25.57 5.99
CA PHE A 41 21.02 24.50 6.09
C PHE A 41 21.66 24.31 4.70
N ASN A 42 20.87 24.02 3.68
CA ASN A 42 21.35 23.78 2.29
C ASN A 42 22.26 24.93 1.84
N LYS A 43 21.95 26.18 2.20
CA LYS A 43 22.70 27.35 1.69
C LYS A 43 24.13 27.36 2.25
N ALA A 44 24.37 26.89 3.48
CA ALA A 44 25.71 26.93 4.11
C ALA A 44 26.54 25.72 3.68
N GLN A 45 26.03 24.85 2.83
CA GLN A 45 26.72 23.59 2.44
C GLN A 45 27.30 23.76 1.05
N GLN A 46 28.30 22.93 0.70
CA GLN A 46 29.01 22.96 -0.61
C GLN A 46 28.55 21.75 -1.41
N GLY A 47 27.29 21.79 -1.85
CA GLY A 47 26.69 20.78 -2.74
C GLY A 47 26.23 19.56 -1.98
N ARG A 48 25.92 19.74 -0.70
CA ARG A 48 25.38 18.67 0.20
C ARG A 48 24.06 19.17 0.75
N CYS A 49 22.96 18.44 0.53
CA CYS A 49 21.62 18.98 0.81
C CYS A 49 20.76 17.95 1.52
N VAL A 50 19.76 18.46 2.22
CA VAL A 50 18.64 17.64 2.71
C VAL A 50 17.43 17.91 1.83
N ARG A 51 16.76 16.85 1.39
CA ARG A 51 15.46 16.95 0.66
C ARG A 51 14.37 16.46 1.56
N PRO A 52 13.56 17.36 2.14
CA PRO A 52 12.39 16.93 2.90
C PRO A 52 11.36 16.37 1.90
N VAL A 53 10.80 15.22 2.26
CA VAL A 53 9.76 14.49 1.46
C VAL A 53 8.56 14.31 2.38
N PRO A 54 7.46 15.04 2.09
CA PRO A 54 6.18 14.85 2.76
C PRO A 54 5.53 13.50 2.38
N GLN A 55 5.14 12.73 3.39
CA GLN A 55 4.63 11.36 3.22
C GLN A 55 3.18 11.32 3.66
N GLY A 56 2.57 12.48 3.92
CA GLY A 56 1.21 12.58 4.48
C GLY A 56 1.35 12.96 5.92
N GLY A 57 0.48 12.44 6.78
CA GLY A 57 0.59 12.57 8.24
C GLY A 57 1.58 11.56 8.78
N TYR A 58 1.68 11.49 10.10
CA TYR A 58 2.60 10.57 10.82
C TYR A 58 2.24 9.12 10.58
N ARG A 59 0.94 8.83 10.47
CA ARG A 59 0.56 7.43 10.25
C ARG A 59 0.92 7.03 8.81
N ASP A 60 0.72 7.93 7.88
CA ASP A 60 1.06 7.68 6.45
C ASP A 60 2.57 7.48 6.41
N LEU A 61 3.30 8.30 7.19
CA LEU A 61 4.78 8.23 7.28
C LEU A 61 5.22 6.83 7.70
N SER A 62 4.68 6.30 8.80
CA SER A 62 5.12 4.98 9.33
C SER A 62 4.87 3.88 8.27
N THR A 63 3.72 3.95 7.56
CA THR A 63 3.31 2.99 6.51
C THR A 63 4.30 3.05 5.34
N LYS A 64 4.63 4.26 4.88
CA LYS A 64 5.70 4.54 3.89
C LYS A 64 7.05 3.97 4.38
N ILE A 65 7.45 4.22 5.62
CA ILE A 65 8.72 3.60 6.10
C ILE A 65 8.60 2.06 6.07
N LYS A 66 7.48 1.47 6.51
CA LYS A 66 7.26 0.00 6.43
C LYS A 66 7.52 -0.50 5.01
N ALA A 67 6.84 0.12 4.04
CA ALA A 67 7.01 -0.15 2.59
C ALA A 67 8.49 -0.03 2.21
N ALA A 68 9.14 1.05 2.64
CA ALA A 68 10.58 1.26 2.36
C ALA A 68 11.39 0.03 2.82
N PHE A 69 11.12 -0.52 4.02
CA PHE A 69 11.86 -1.71 4.50
C PHE A 69 11.63 -2.89 3.55
N ALA A 70 10.39 -3.16 3.21
CA ALA A 70 10.04 -4.27 2.29
C ALA A 70 10.82 -4.11 1.00
N ALA A 71 10.90 -2.88 0.48
CA ALA A 71 11.55 -2.57 -0.82
C ALA A 71 13.07 -2.56 -0.68
N GLY A 72 13.60 -2.39 0.55
CA GLY A 72 15.03 -2.20 0.84
C GLY A 72 15.58 -0.85 0.34
N LYS A 73 14.82 0.27 0.46
CA LYS A 73 15.23 1.63 0.00
C LYS A 73 14.77 2.65 1.04
N VAL A 74 15.38 2.65 2.21
CA VAL A 74 15.05 3.64 3.26
C VAL A 74 15.57 5.01 2.81
N PRO A 75 15.00 6.13 3.34
CA PRO A 75 15.64 7.45 3.24
C PRO A 75 16.85 7.56 4.21
N THR A 76 17.56 8.70 4.25
CA THR A 76 18.69 8.95 5.17
C THR A 76 18.10 9.24 6.54
N MET A 77 17.06 10.10 6.60
CA MET A 77 16.40 10.47 7.88
C MET A 77 14.88 10.34 7.77
N ALA A 78 14.23 10.17 8.92
CA ALA A 78 12.77 10.35 9.02
C ALA A 78 12.43 10.84 10.43
N GLN A 79 11.26 11.46 10.51
CA GLN A 79 10.57 11.66 11.80
C GLN A 79 10.10 10.29 12.32
N ALA A 80 10.15 10.10 13.65
CA ALA A 80 9.72 8.92 14.41
C ALA A 80 9.22 9.33 15.81
N PHE A 81 8.11 8.74 16.21
CA PHE A 81 7.65 8.64 17.61
C PHE A 81 8.56 7.63 18.30
N GLU A 82 8.60 7.69 19.62
CA GLU A 82 9.40 6.76 20.45
C GLU A 82 9.06 5.32 20.09
N ASN A 83 7.77 5.02 19.87
CA ASN A 83 7.28 3.64 19.58
C ASN A 83 7.68 3.21 18.15
N ASN A 84 7.80 4.17 17.21
CA ASN A 84 8.33 3.95 15.83
C ASN A 84 9.81 3.60 16.03
N ILE A 85 10.54 4.33 16.89
CA ILE A 85 11.95 3.95 17.13
C ILE A 85 12.05 2.49 17.60
N ALA A 86 11.30 2.13 18.62
CA ALA A 86 11.28 0.73 19.14
C ALA A 86 11.05 -0.24 17.98
N LEU A 87 10.09 0.01 17.10
CA LEU A 87 9.78 -0.88 15.96
C LEU A 87 11.00 -0.93 15.03
N TYR A 88 11.60 0.20 14.66
CA TYR A 88 12.69 0.22 13.67
C TYR A 88 13.91 -0.46 14.30
N LEU A 89 14.01 -0.41 15.62
CA LEU A 89 15.14 -1.10 16.32
C LEU A 89 15.06 -2.64 16.25
N GLU A 90 13.84 -3.21 16.20
CA GLU A 90 13.58 -4.66 15.92
C GLU A 90 14.28 -5.06 14.60
N ALA A 91 14.14 -4.25 13.56
CA ALA A 91 14.79 -4.39 12.24
C ALA A 91 16.29 -4.05 12.32
N LYS A 92 16.80 -3.57 13.45
CA LYS A 92 18.18 -3.00 13.63
C LYS A 92 18.47 -1.92 12.57
N ALA A 93 17.48 -1.10 12.22
CA ALA A 93 17.54 -0.23 11.02
C ALA A 93 18.24 1.10 11.37
N LEU A 94 18.62 1.33 12.64
CA LEU A 94 18.95 2.70 13.15
C LEU A 94 20.40 2.81 13.62
N LEU A 95 21.02 3.90 13.21
CA LEU A 95 22.39 4.30 13.60
C LEU A 95 22.28 4.96 14.97
N PRO A 96 23.11 4.52 15.95
CA PRO A 96 23.25 5.25 17.21
C PRO A 96 23.69 6.68 16.88
N ILE A 97 23.04 7.65 17.52
CA ILE A 97 23.15 9.09 17.14
C ILE A 97 24.55 9.56 17.51
N GLU A 98 25.08 9.16 18.66
CA GLU A 98 26.43 9.62 19.07
C GLU A 98 27.50 8.87 18.26
N SER A 99 27.18 7.80 17.52
CA SER A 99 28.17 7.15 16.60
C SER A 99 28.46 8.12 15.45
N LEU A 100 27.52 9.02 15.13
CA LEU A 100 27.75 10.08 14.12
C LEU A 100 28.59 11.22 14.71
N GLY A 101 28.82 11.26 16.01
CA GLY A 101 29.48 12.40 16.65
C GLY A 101 28.55 13.58 16.81
N VAL A 102 27.23 13.36 16.85
CA VAL A 102 26.27 14.46 17.19
C VAL A 102 26.27 14.67 18.70
N LYS A 103 26.58 15.88 19.17
CA LYS A 103 26.70 16.18 20.61
C LYS A 103 25.29 16.48 21.14
N LEU A 104 24.90 15.85 22.25
CA LEU A 104 23.52 15.90 22.79
C LEU A 104 23.48 16.58 24.16
N GLN A 105 24.63 17.00 24.70
CA GLN A 105 24.61 17.65 26.04
C GLN A 105 23.72 18.91 25.94
N GLY A 106 22.89 19.14 26.94
CA GLY A 106 21.97 20.28 26.96
C GLY A 106 20.66 19.99 26.25
N VAL A 107 20.51 18.81 25.63
CA VAL A 107 19.15 18.37 25.21
C VAL A 107 18.36 18.05 26.49
N ASN A 108 17.17 18.64 26.63
CA ASN A 108 16.28 18.40 27.78
C ASN A 108 16.12 16.89 28.03
N LEU A 109 16.38 16.40 29.23
CA LEU A 109 16.34 14.94 29.55
C LEU A 109 14.91 14.39 29.39
N THR A 110 13.87 15.20 29.52
CA THR A 110 12.49 14.75 29.21
C THR A 110 12.49 14.14 27.80
N PHE A 111 13.18 14.79 26.85
CA PHE A 111 13.17 14.38 25.42
C PHE A 111 14.27 13.37 25.17
N LEU A 112 15.44 13.61 25.75
CA LEU A 112 16.61 12.75 25.50
C LEU A 112 16.39 11.39 26.15
N ASN A 113 15.76 11.34 27.35
CA ASN A 113 15.52 10.02 27.99
C ASN A 113 14.66 9.21 27.02
N ALA A 114 13.74 9.88 26.32
CA ALA A 114 12.65 9.15 25.63
C ALA A 114 13.22 8.48 24.38
N VAL A 115 14.42 8.92 23.92
CA VAL A 115 15.04 8.39 22.66
C VAL A 115 16.19 7.42 23.00
N ARG A 116 16.37 7.09 24.27
CA ARG A 116 17.45 6.19 24.74
C ARG A 116 16.86 4.79 24.90
N PHE A 117 17.39 3.81 24.18
CA PHE A 117 16.99 2.37 24.23
C PHE A 117 18.26 1.55 24.53
N GLY A 118 18.20 0.75 25.61
CA GLY A 118 19.35 -0.02 26.13
C GLY A 118 20.53 0.89 26.39
N GLY A 119 20.29 2.08 26.94
CA GLY A 119 21.36 3.05 27.22
C GLY A 119 21.84 3.78 25.97
N VAL A 120 21.30 3.52 24.77
CA VAL A 120 21.85 4.12 23.52
C VAL A 120 20.79 5.06 22.93
N VAL A 121 21.24 6.24 22.49
CA VAL A 121 20.33 7.27 21.90
C VAL A 121 20.20 6.98 20.41
N TYR A 122 18.99 6.77 19.93
CA TYR A 122 18.68 6.39 18.53
C TYR A 122 17.83 7.45 17.83
N GLY A 123 17.60 8.60 18.47
CA GLY A 123 16.79 9.67 17.89
C GLY A 123 17.25 11.04 18.35
N VAL A 124 17.03 12.05 17.52
CA VAL A 124 17.29 13.46 17.89
C VAL A 124 15.96 14.18 18.07
N PRO A 125 15.56 14.51 19.32
CA PRO A 125 14.36 15.32 19.57
C PRO A 125 14.39 16.57 18.71
N PHE A 126 13.36 16.78 17.91
CA PHE A 126 13.31 17.79 16.84
C PHE A 126 12.06 18.65 17.06
N ASN A 127 10.88 18.10 16.85
CA ASN A 127 9.56 18.80 16.91
C ASN A 127 8.76 18.15 18.03
N LYS A 128 9.06 18.52 19.27
CA LYS A 128 8.43 17.88 20.44
C LYS A 128 7.40 18.86 21.01
N SER A 129 6.16 18.38 21.14
CA SER A 129 5.01 19.17 21.62
C SER A 129 4.62 18.73 23.01
N ILE A 130 3.90 19.60 23.69
CA ILE A 130 3.19 19.27 24.95
C ILE A 130 1.74 19.72 24.82
N GLN A 131 0.79 18.99 25.37
CA GLN A 131 -0.59 19.47 25.51
C GLN A 131 -0.64 20.69 26.40
N VAL A 132 -1.46 21.66 26.05
CA VAL A 132 -1.70 22.88 26.87
C VAL A 132 -3.19 23.08 26.93
N LEU A 133 -3.67 23.93 27.82
CA LEU A 133 -5.07 24.36 27.82
C LEU A 133 -5.21 25.58 26.91
N TYR A 134 -5.91 25.40 25.80
CA TYR A 134 -6.36 26.54 24.97
C TYR A 134 -7.66 27.06 25.54
N TYR A 135 -7.84 28.35 25.56
CA TYR A 135 -9.13 28.89 26.04
C TYR A 135 -9.54 30.17 25.31
N ASN A 136 -10.80 30.52 25.49
CA ASN A 136 -11.42 31.75 24.97
C ASN A 136 -11.43 32.80 26.08
N LYS A 137 -10.43 33.70 26.09
CA LYS A 137 -10.31 34.70 27.17
C LYS A 137 -11.54 35.60 27.20
N ASP A 138 -12.10 35.95 26.02
CA ASP A 138 -13.34 36.79 25.89
C ASP A 138 -14.48 36.11 26.65
N LEU A 139 -14.70 34.81 26.40
CA LEU A 139 -15.88 34.12 26.96
C LEU A 139 -15.73 33.95 28.48
N LEU A 140 -14.53 33.68 28.98
CA LEU A 140 -14.25 33.57 30.43
C LEU A 140 -14.46 34.96 31.11
N LYS A 141 -13.83 36.02 30.61
CA LYS A 141 -14.01 37.41 31.15
C LYS A 141 -15.51 37.77 31.21
N LYS A 142 -16.20 37.58 30.08
CA LYS A 142 -17.66 37.80 29.99
C LYS A 142 -18.39 37.24 31.22
N HIS A 143 -18.09 36.01 31.67
CA HIS A 143 -18.88 35.31 32.73
C HIS A 143 -18.10 35.31 34.06
N GLY A 144 -17.00 36.04 34.13
CA GLY A 144 -16.18 36.16 35.37
C GLY A 144 -15.59 34.84 35.85
N VAL A 145 -15.27 33.94 34.94
CA VAL A 145 -14.73 32.57 35.23
C VAL A 145 -13.21 32.60 35.12
N PRO A 146 -12.48 32.42 36.23
CA PRO A 146 -11.03 32.33 36.18
C PRO A 146 -10.57 31.13 35.34
N VAL A 147 -9.40 31.25 34.71
CA VAL A 147 -8.73 30.09 34.12
C VAL A 147 -8.68 29.00 35.19
N PRO A 148 -9.17 27.77 34.91
CA PRO A 148 -9.16 26.70 35.91
C PRO A 148 -7.77 26.12 36.13
N ALA A 149 -7.35 26.02 37.40
CA ALA A 149 -6.05 25.51 37.88
C ALA A 149 -6.17 24.02 38.23
N THR A 150 -7.33 23.56 38.67
CA THR A 150 -7.52 22.13 39.00
C THR A 150 -8.59 21.52 38.10
N LEU A 151 -8.54 20.19 38.02
CA LEU A 151 -9.52 19.38 37.22
C LEU A 151 -10.94 19.67 37.77
N GLU A 152 -11.06 19.78 39.07
CA GLU A 152 -12.33 20.11 39.72
C GLU A 152 -12.81 21.48 39.23
N GLU A 153 -11.94 22.48 39.20
CA GLU A 153 -12.33 23.84 38.73
C GLU A 153 -12.63 23.80 37.23
N PHE A 154 -11.94 22.93 36.50
CA PHE A 154 -12.10 22.79 35.02
C PHE A 154 -13.52 22.32 34.70
N VAL A 155 -13.97 21.24 35.33
CA VAL A 155 -15.34 20.68 35.20
C VAL A 155 -16.38 21.71 35.64
N ALA A 156 -16.18 22.39 36.81
CA ALA A 156 -17.11 23.44 37.25
C ALA A 156 -17.20 24.60 36.23
N ALA A 157 -16.06 25.13 35.75
CA ALA A 157 -16.01 26.18 34.71
C ALA A 157 -16.79 25.72 33.46
N ALA A 158 -16.51 24.50 32.93
CA ALA A 158 -17.16 24.01 31.69
C ALA A 158 -18.66 23.97 31.94
N LYS A 159 -19.13 23.50 33.10
CA LYS A 159 -20.58 23.38 33.39
C LYS A 159 -21.19 24.77 33.46
N LYS A 160 -20.48 25.71 34.11
CA LYS A 160 -21.03 27.06 34.36
C LYS A 160 -21.08 27.81 33.02
N LEU A 161 -20.02 27.69 32.21
CA LEU A 161 -19.98 28.40 30.89
C LEU A 161 -21.00 27.77 29.93
N SER A 162 -21.18 26.45 29.98
CA SER A 162 -22.04 25.71 29.03
C SER A 162 -23.48 26.12 29.26
N ARG A 163 -23.87 26.20 30.54
CA ARG A 163 -25.22 26.65 30.92
C ARG A 163 -25.37 28.12 30.52
N ALA A 164 -24.38 28.98 30.77
CA ALA A 164 -24.47 30.42 30.40
C ALA A 164 -24.68 30.59 28.88
N GLU A 165 -23.97 29.80 28.03
CA GLU A 165 -23.88 30.00 26.58
C GLU A 165 -24.85 29.08 25.82
N GLY A 166 -25.45 28.10 26.51
CA GLY A 166 -26.46 27.19 25.96
C GLY A 166 -25.85 26.12 25.08
N GLY A 167 -24.57 25.80 25.27
CA GLY A 167 -23.83 24.86 24.39
C GLY A 167 -22.63 24.27 25.12
N PRO A 168 -22.14 23.05 24.78
CA PRO A 168 -20.97 22.48 25.42
C PRO A 168 -19.69 23.25 25.07
N VAL A 169 -18.95 23.79 26.05
CA VAL A 169 -17.82 24.71 25.79
C VAL A 169 -16.47 23.97 25.86
N TYR A 170 -16.43 22.79 26.44
CA TYR A 170 -15.17 21.99 26.47
C TYR A 170 -15.14 21.15 25.17
N TRP A 171 -14.29 21.47 24.23
CA TRP A 171 -14.27 20.75 22.95
C TRP A 171 -13.14 19.73 23.00
N PHE A 172 -13.41 18.51 22.56
CA PHE A 172 -12.37 17.47 22.60
C PHE A 172 -12.52 16.51 21.45
N GLN A 173 -11.40 16.01 20.95
CA GLN A 173 -11.36 14.85 20.02
C GLN A 173 -11.48 13.57 20.82
N PRO A 174 -12.40 12.63 20.46
CA PRO A 174 -12.49 11.35 21.17
C PRO A 174 -11.35 10.39 20.74
N ASP A 175 -10.14 10.63 21.26
CA ASP A 175 -8.91 9.93 20.81
C ASP A 175 -7.99 9.66 22.01
N ALA A 176 -6.98 8.86 21.78
CA ALA A 176 -6.04 8.41 22.82
C ALA A 176 -5.35 9.62 23.42
N SER A 177 -5.05 10.63 22.60
CA SER A 177 -4.29 11.84 23.00
C SER A 177 -5.11 12.60 24.08
N THR A 178 -6.42 12.80 23.86
CA THR A 178 -7.27 13.52 24.83
C THR A 178 -7.49 12.65 26.06
N PHE A 179 -7.69 11.36 25.85
CA PHE A 179 -7.88 10.40 26.95
C PHE A 179 -6.65 10.43 27.86
N ALA A 180 -5.44 10.53 27.29
CA ALA A 180 -4.15 10.53 28.04
C ALA A 180 -4.17 11.65 29.08
N TYR A 181 -4.60 12.85 28.70
CA TYR A 181 -4.61 13.97 29.66
C TYR A 181 -5.42 13.56 30.94
N PHE A 182 -6.64 13.07 30.74
CA PHE A 182 -7.57 12.77 31.88
C PHE A 182 -7.05 11.54 32.66
N PHE A 183 -6.56 10.55 31.90
CA PHE A 183 -6.05 9.28 32.45
C PHE A 183 -4.87 9.58 33.39
N PHE A 184 -3.89 10.31 32.87
CA PHE A 184 -2.62 10.60 33.60
C PHE A 184 -2.96 11.35 34.88
N ASN A 185 -3.83 12.33 34.76
CA ASN A 185 -4.11 13.29 35.84
C ASN A 185 -5.19 12.75 36.78
N LEU A 186 -5.82 11.60 36.52
CA LEU A 186 -6.58 10.85 37.58
C LEU A 186 -5.73 9.71 38.17
N GLY A 187 -4.39 9.77 38.06
CA GLY A 187 -3.51 8.80 38.76
C GLY A 187 -3.19 7.58 37.89
N GLY A 188 -3.48 7.61 36.60
CA GLY A 188 -3.42 6.40 35.78
C GLY A 188 -2.01 6.13 35.30
N SER A 189 -1.72 4.88 35.02
CA SER A 189 -0.44 4.51 34.39
C SER A 189 -0.68 3.31 33.47
N TYR A 190 -0.12 3.32 32.27
CA TYR A 190 -0.42 2.30 31.23
C TYR A 190 0.28 0.99 31.59
N LEU A 191 1.46 1.05 32.22
CA LEU A 191 2.24 -0.19 32.53
C LEU A 191 2.11 -0.48 34.01
N LYS A 192 1.71 -1.71 34.36
CA LYS A 192 1.68 -2.24 35.75
C LYS A 192 2.55 -3.50 35.73
N ASP A 193 3.71 -3.42 36.39
CA ASP A 193 4.76 -4.46 36.42
C ASP A 193 5.06 -4.89 34.98
N GLY A 194 5.23 -3.90 34.09
CA GLY A 194 5.63 -4.07 32.68
C GLY A 194 4.53 -4.59 31.77
N LYS A 195 3.30 -4.78 32.26
CA LYS A 195 2.18 -5.28 31.38
C LYS A 195 1.35 -4.07 30.93
N LEU A 196 0.91 -4.05 29.67
CA LEU A 196 0.07 -2.92 29.19
C LEU A 196 -1.37 -3.17 29.71
N VAL A 197 -1.91 -2.19 30.43
CA VAL A 197 -3.27 -2.19 31.01
C VAL A 197 -4.07 -0.98 30.50
N LEU A 198 -5.11 -1.23 29.71
CA LEU A 198 -5.94 -0.20 29.05
C LEU A 198 -7.24 -0.03 29.84
N ASN A 199 -7.57 -0.97 30.73
CA ASN A 199 -8.90 -1.03 31.38
C ASN A 199 -8.78 -0.93 32.90
N SER A 200 -7.78 -0.26 33.43
CA SER A 200 -7.61 0.03 34.87
C SER A 200 -8.76 0.94 35.35
N LYS A 201 -8.94 1.04 36.66
CA LYS A 201 -10.05 1.87 37.19
C LYS A 201 -9.83 3.35 36.81
N GLU A 202 -8.58 3.80 36.58
CA GLU A 202 -8.32 5.23 36.22
C GLU A 202 -8.72 5.42 34.76
N ALA A 203 -8.45 4.44 33.90
CA ALA A 203 -8.91 4.42 32.49
C ALA A 203 -10.43 4.56 32.51
N VAL A 204 -11.10 3.67 33.24
CA VAL A 204 -12.59 3.65 33.27
C VAL A 204 -13.05 5.05 33.76
N GLU A 205 -12.44 5.56 34.83
CA GLU A 205 -12.79 6.87 35.41
C GLU A 205 -12.60 7.99 34.39
N ALA A 206 -11.57 7.92 33.55
CA ALA A 206 -11.19 9.02 32.62
C ALA A 206 -12.21 9.03 31.47
N LEU A 207 -12.51 7.87 30.92
CA LEU A 207 -13.48 7.71 29.79
C LEU A 207 -14.90 8.02 30.28
N THR A 208 -15.24 7.65 31.51
CA THR A 208 -16.52 7.97 32.18
C THR A 208 -16.62 9.50 32.31
N LEU A 209 -15.56 10.18 32.76
CA LEU A 209 -15.64 11.66 32.92
C LEU A 209 -16.00 12.28 31.56
N LEU A 210 -15.37 11.83 30.48
CA LEU A 210 -15.65 12.42 29.14
C LEU A 210 -17.10 12.12 28.73
N GLN A 211 -17.54 10.87 28.94
CA GLN A 211 -18.87 10.42 28.52
C GLN A 211 -19.94 11.14 29.36
N ASN A 212 -19.75 11.31 30.65
CA ASN A 212 -20.63 12.12 31.51
C ASN A 212 -20.63 13.57 31.03
N GLY A 213 -19.46 14.11 30.66
CA GLY A 213 -19.32 15.45 30.08
C GLY A 213 -20.27 15.65 28.91
N VAL A 214 -20.27 14.71 27.98
CA VAL A 214 -21.18 14.72 26.79
C VAL A 214 -22.66 14.67 27.26
N LYS A 215 -23.04 13.72 28.09
CA LYS A 215 -24.45 13.55 28.59
C LYS A 215 -24.92 14.84 29.28
N GLU A 216 -24.07 15.44 30.12
CA GLU A 216 -24.45 16.56 31.01
C GLU A 216 -24.42 17.85 30.17
N GLY A 217 -23.82 17.82 28.98
CA GLY A 217 -23.88 18.95 28.05
C GLY A 217 -22.77 19.97 28.26
N TRP A 218 -21.63 19.64 28.86
CA TRP A 218 -20.49 20.59 28.93
C TRP A 218 -19.29 20.18 28.07
N ALA A 219 -19.26 18.95 27.51
CA ALA A 219 -18.17 18.44 26.64
C ALA A 219 -18.72 18.15 25.24
N LYS A 220 -18.08 18.70 24.19
CA LYS A 220 -18.52 18.62 22.78
C LYS A 220 -17.55 17.74 22.01
N PRO A 221 -17.96 16.54 21.58
CA PRO A 221 -17.07 15.71 20.79
C PRO A 221 -16.89 16.31 19.40
N ILE A 222 -15.66 16.39 18.92
CA ILE A 222 -15.32 16.91 17.59
C ILE A 222 -14.94 15.70 16.74
N THR A 223 -15.74 15.39 15.74
CA THR A 223 -15.62 14.13 14.98
C THR A 223 -15.02 14.39 13.60
N SER A 224 -15.11 15.64 13.12
CA SER A 224 -14.72 16.00 11.75
C SER A 224 -13.71 17.17 11.76
N GLY A 225 -12.45 16.85 11.46
CA GLY A 225 -11.28 17.74 11.44
C GLY A 225 -10.81 18.04 12.85
N ALA A 226 -9.73 18.80 12.99
CA ALA A 226 -9.14 19.35 14.24
C ALA A 226 -10.11 20.27 14.96
N ILE A 227 -9.90 20.43 16.25
CA ILE A 227 -10.68 21.40 17.05
C ILE A 227 -10.61 22.77 16.38
N ASN A 228 -9.44 23.20 15.93
CA ASN A 228 -9.20 24.56 15.39
C ASN A 228 -9.94 24.75 14.07
N GLN A 229 -10.21 23.67 13.35
CA GLN A 229 -11.00 23.60 12.08
C GLN A 229 -12.50 23.75 12.31
N ASN A 230 -12.97 23.58 13.55
CA ASN A 230 -14.40 23.55 13.93
C ASN A 230 -14.77 24.87 14.64
N LEU A 231 -13.79 25.73 14.89
CA LEU A 231 -13.98 26.95 15.72
C LEU A 231 -14.96 27.83 14.92
N GLY A 232 -15.90 28.48 15.60
CA GLY A 232 -16.86 29.39 14.94
C GLY A 232 -18.28 28.85 14.96
N SER A 233 -18.52 27.54 15.09
CA SER A 233 -19.86 26.96 15.24
CA SER A 233 -19.89 27.00 15.26
C SER A 233 -20.11 26.64 16.72
N GLY A 234 -20.90 27.44 17.42
CA GLY A 234 -21.19 27.18 18.84
C GLY A 234 -20.13 27.78 19.76
N PRO A 235 -20.48 27.99 21.03
CA PRO A 235 -19.57 28.61 21.97
C PRO A 235 -18.43 27.65 22.27
N TYR A 236 -17.23 28.22 22.39
CA TYR A 236 -15.99 27.52 22.76
C TYR A 236 -15.33 28.24 23.95
N ALA A 237 -14.97 27.47 25.00
CA ALA A 237 -14.27 27.95 26.21
C ALA A 237 -12.87 27.36 26.26
N PHE A 238 -12.75 26.05 26.06
CA PHE A 238 -11.47 25.35 26.26
C PHE A 238 -11.33 24.14 25.36
N SER A 239 -10.08 23.82 25.11
CA SER A 239 -9.62 22.48 24.68
C SER A 239 -8.25 22.15 25.30
N VAL A 240 -7.97 20.87 25.33
CA VAL A 240 -6.62 20.35 25.67
C VAL A 240 -6.03 19.76 24.39
N ASP A 241 -4.92 20.31 23.96
CA ASP A 241 -4.46 20.07 22.60
C ASP A 241 -2.97 20.34 22.53
N THR A 242 -2.31 19.67 21.61
CA THR A 242 -0.89 19.90 21.27
C THR A 242 -0.61 21.39 21.17
N SER A 243 0.54 21.76 21.74
CA SER A 243 1.15 23.11 21.57
C SER A 243 1.45 23.37 20.10
N ALA A 244 1.70 22.36 19.25
CA ALA A 244 1.98 22.60 17.82
C ALA A 244 0.69 23.05 17.09
N GLY A 245 -0.50 22.99 17.73
CA GLY A 245 -1.73 23.56 17.14
C GLY A 245 -1.82 25.08 17.37
N TYR A 246 -0.80 25.71 17.99
CA TYR A 246 -0.87 27.13 18.40
C TYR A 246 -1.21 27.98 17.17
N THR A 247 -0.41 27.92 16.11
CA THR A 247 -0.62 28.79 14.91
C THR A 247 -1.97 28.45 14.32
N TYR A 248 -2.43 27.20 14.41
CA TYR A 248 -3.74 26.80 13.83
C TYR A 248 -4.89 27.42 14.62
N TYR A 249 -4.79 27.39 15.94
CA TYR A 249 -5.77 28.07 16.83
C TYR A 249 -5.79 29.56 16.51
N LEU A 250 -4.61 30.20 16.40
CA LEU A 250 -4.48 31.66 16.23
C LEU A 250 -5.14 32.11 14.91
N ARG A 251 -4.86 31.40 13.82
CA ARG A 251 -5.41 31.78 12.49
C ARG A 251 -6.92 31.60 12.53
N ALA A 252 -7.45 30.57 13.21
CA ALA A 252 -8.89 30.24 13.09
C ALA A 252 -9.73 31.08 14.08
N ALA A 253 -9.18 31.43 15.24
CA ALA A 253 -9.96 31.98 16.38
C ALA A 253 -10.56 33.35 16.01
N LYS A 254 -11.88 33.52 16.14
CA LYS A 254 -12.55 34.86 16.01
C LYS A 254 -12.57 35.62 17.36
N PHE A 255 -12.09 35.00 18.42
CA PHE A 255 -12.05 35.49 19.84
C PHE A 255 -10.58 35.64 20.24
N ASP A 256 -10.34 36.21 21.42
CA ASP A 256 -8.98 36.40 21.99
C ASP A 256 -8.49 35.06 22.56
N LEU A 257 -7.50 34.45 21.93
CA LEU A 257 -7.03 33.10 22.28
C LEU A 257 -6.14 33.18 23.51
N GLY A 258 -6.42 32.33 24.48
CA GLY A 258 -5.56 32.13 25.64
C GLY A 258 -4.86 30.79 25.59
N VAL A 259 -3.67 30.73 26.18
CA VAL A 259 -2.94 29.48 26.46
C VAL A 259 -2.58 29.51 27.94
N ALA A 260 -2.84 28.38 28.62
CA ALA A 260 -2.56 28.19 30.05
C ALA A 260 -1.91 26.83 30.25
N THR A 261 -1.31 26.63 31.44
CA THR A 261 -0.87 25.30 31.90
C THR A 261 -2.13 24.47 32.18
N LEU A 262 -1.97 23.15 32.09
CA LEU A 262 -3.06 22.15 32.25
C LEU A 262 -3.55 22.20 33.69
N PRO A 263 -4.86 22.03 33.89
CA PRO A 263 -5.40 21.73 35.21
C PRO A 263 -4.78 20.45 35.79
N GLY A 264 -4.44 20.49 37.08
CA GLY A 264 -3.91 19.33 37.85
C GLY A 264 -4.86 18.93 38.96
N ARG A 265 -4.58 17.81 39.63
CA ARG A 265 -5.39 17.36 40.80
C ARG A 265 -5.49 18.50 41.82
N THR A 266 -4.40 19.19 42.10
CA THR A 266 -4.34 20.31 43.08
C THR A 266 -3.62 21.52 42.47
N LYS A 267 -3.77 22.66 43.11
CA LYS A 267 -3.07 23.90 42.73
C LYS A 267 -1.55 23.78 42.98
N GLY A 268 -1.06 22.75 43.68
CA GLY A 268 0.37 22.58 44.00
C GLY A 268 1.22 22.28 42.77
N GLN A 269 0.59 21.90 41.66
CA GLN A 269 1.30 21.48 40.43
C GLN A 269 0.32 21.51 39.26
N PRO A 270 0.73 22.02 38.07
CA PRO A 270 -0.06 21.84 36.85
C PRO A 270 -0.26 20.35 36.54
N GLY A 271 -1.30 19.99 35.81
CA GLY A 271 -1.49 18.58 35.40
C GLY A 271 -0.42 18.21 34.39
N TYR A 272 -0.18 16.92 34.20
CA TYR A 272 0.75 16.40 33.16
C TYR A 272 0.08 16.53 31.80
N GLY A 273 0.85 16.90 30.79
CA GLY A 273 0.45 16.95 29.37
C GLY A 273 1.11 15.77 28.64
N LEU A 274 0.50 15.32 27.58
CA LEU A 274 1.06 14.25 26.74
C LEU A 274 2.12 14.88 25.87
N VAL A 275 3.28 14.25 25.85
CA VAL A 275 4.34 14.68 24.89
C VAL A 275 4.03 14.05 23.55
N GLN A 276 3.95 14.85 22.50
CA GLN A 276 3.78 14.38 21.10
C GLN A 276 4.85 14.99 20.18
N GLY A 277 4.58 15.02 18.87
CA GLY A 277 5.59 15.26 17.84
C GLY A 277 6.70 14.23 17.86
N THR A 278 7.85 14.52 17.20
CA THR A 278 8.77 13.49 16.64
C THR A 278 10.25 13.83 16.87
N ASN A 279 11.03 12.76 16.77
CA ASN A 279 12.49 12.71 16.82
C ASN A 279 12.96 12.43 15.40
N LEU A 280 14.17 12.84 15.05
CA LEU A 280 14.79 12.49 13.76
C LEU A 280 15.68 11.28 13.96
N VAL A 281 15.50 10.26 13.14
CA VAL A 281 16.36 9.05 13.18
C VAL A 281 17.17 9.00 11.89
N VAL A 282 18.20 8.18 11.88
CA VAL A 282 19.15 8.02 10.77
C VAL A 282 19.34 6.54 10.48
N PHE A 283 19.12 6.16 9.23
CA PHE A 283 18.97 4.75 8.81
C PHE A 283 20.34 4.22 8.47
N ARG A 284 20.69 3.07 9.02
CA ARG A 284 21.96 2.37 8.74
C ARG A 284 22.22 2.27 7.24
N GLN A 285 21.21 2.06 6.42
CA GLN A 285 21.34 1.76 4.96
C GLN A 285 21.90 2.98 4.21
N ALA A 286 21.66 4.20 4.67
CA ALA A 286 22.17 5.41 4.00
C ALA A 286 23.69 5.32 3.85
N SER A 287 24.23 5.95 2.81
CA SER A 287 25.67 5.96 2.44
C SER A 287 26.47 6.78 3.47
N LYS A 288 27.78 6.51 3.55
CA LYS A 288 28.70 7.30 4.42
C LYS A 288 28.42 8.79 4.19
N GLU A 289 28.37 9.22 2.93
CA GLU A 289 28.24 10.66 2.55
C GLU A 289 26.90 11.18 3.06
N GLU A 290 25.83 10.36 2.93
CA GLU A 290 24.47 10.75 3.34
C GLU A 290 24.47 10.95 4.84
N GLN A 291 25.10 10.02 5.55
CA GLN A 291 25.16 10.00 7.02
C GLN A 291 25.90 11.25 7.49
N ALA A 292 26.90 11.68 6.73
CA ALA A 292 27.69 12.91 7.02
C ALA A 292 26.78 14.14 6.95
N VAL A 293 25.94 14.25 5.91
CA VAL A 293 24.93 15.35 5.82
C VAL A 293 23.96 15.21 7.00
N ALA A 294 23.45 14.01 7.27
CA ALA A 294 22.60 13.79 8.47
C ALA A 294 23.29 14.38 9.70
N LYS A 295 24.55 14.01 9.89
CA LYS A 295 25.32 14.51 11.07
C LYS A 295 25.29 16.06 11.15
N ASP A 296 25.62 16.76 10.06
CA ASP A 296 25.61 18.25 9.99
C ASP A 296 24.19 18.78 10.20
N PHE A 297 23.18 18.16 9.61
CA PHE A 297 21.79 18.64 9.69
C PHE A 297 21.32 18.58 11.15
N LEU A 298 21.60 17.46 11.81
CA LEU A 298 21.23 17.25 13.21
C LEU A 298 21.96 18.26 14.12
N GLU A 299 23.26 18.56 13.92
CA GLU A 299 23.93 19.63 14.73
C GLU A 299 23.26 20.97 14.47
N PHE A 300 22.87 21.27 13.23
CA PHE A 300 22.19 22.53 12.88
C PHE A 300 20.83 22.64 13.60
N VAL A 301 19.99 21.61 13.46
CA VAL A 301 18.63 21.52 14.08
C VAL A 301 18.69 21.67 15.60
N LEU A 302 19.75 21.19 16.23
CA LEU A 302 20.00 21.31 17.69
C LEU A 302 20.68 22.63 18.08
N SER A 303 21.01 23.51 17.12
CA SER A 303 21.68 24.81 17.41
C SER A 303 20.62 25.70 18.06
N PRO A 304 21.02 26.60 18.97
CA PRO A 304 20.06 27.45 19.68
C PRO A 304 19.19 28.27 18.75
N ARG A 305 19.76 28.81 17.67
CA ARG A 305 19.04 29.66 16.70
C ARG A 305 17.99 28.84 15.93
N ALA A 306 18.33 27.68 15.37
CA ALA A 306 17.40 26.81 14.62
C ALA A 306 16.22 26.42 15.53
N GLN A 307 16.51 25.95 16.75
CA GLN A 307 15.46 25.61 17.74
C GLN A 307 14.64 26.88 18.11
N ALA A 308 15.25 28.04 18.28
CA ALA A 308 14.51 29.28 18.65
C ALA A 308 13.50 29.62 17.55
N VAL A 309 13.98 29.66 16.33
CA VAL A 309 13.19 30.00 15.09
C VAL A 309 12.06 28.94 14.93
N PHE A 310 12.40 27.64 14.97
CA PHE A 310 11.40 26.55 14.83
C PHE A 310 10.33 26.70 15.90
N ALA A 311 10.71 26.81 17.17
CA ALA A 311 9.77 26.77 18.30
C ALA A 311 8.87 28.02 18.30
N THR A 312 9.42 29.17 17.99
CA THR A 312 8.59 30.41 17.99
C THR A 312 7.68 30.37 16.74
N ALA A 313 8.07 29.73 15.62
CA ALA A 313 7.20 29.73 14.41
C ALA A 313 6.06 28.72 14.58
N THR A 314 6.16 27.77 15.51
CA THR A 314 5.20 26.64 15.52
C THR A 314 4.42 26.48 16.84
N GLY A 315 5.07 26.72 17.99
CA GLY A 315 4.53 26.29 19.30
C GLY A 315 5.06 24.95 19.81
N TYR A 316 5.96 24.30 19.07
CA TYR A 316 6.71 23.14 19.59
C TYR A 316 7.61 23.66 20.72
N VAL A 317 8.09 22.74 21.55
CA VAL A 317 8.95 23.04 22.73
C VAL A 317 10.39 23.06 22.26
N PRO A 318 11.15 24.12 22.59
CA PRO A 318 12.58 24.12 22.30
C PRO A 318 13.19 22.94 23.05
N VAL A 319 14.04 22.14 22.40
CA VAL A 319 14.49 20.83 22.94
C VAL A 319 15.78 21.02 23.75
N THR A 320 16.37 22.21 23.72
CA THR A 320 17.69 22.52 24.33
C THR A 320 17.56 23.72 25.26
N GLU A 321 18.26 23.63 26.39
CA GLU A 321 18.57 24.75 27.32
C GLU A 321 19.12 25.99 26.54
N GLY A 322 19.97 25.78 25.53
CA GLY A 322 20.57 26.88 24.75
C GLY A 322 19.52 27.68 23.98
N ALA A 323 18.52 27.00 23.41
CA ALA A 323 17.40 27.68 22.71
C ALA A 323 16.79 28.78 23.60
N LEU A 324 16.69 28.55 24.91
CA LEU A 324 15.98 29.47 25.83
C LEU A 324 16.84 30.71 26.04
N LYS A 325 18.15 30.60 25.80
CA LYS A 325 19.08 31.72 26.00
C LYS A 325 19.34 32.39 24.64
N ASP A 326 18.75 31.88 23.56
CA ASP A 326 18.93 32.55 22.26
C ASP A 326 18.13 33.86 22.26
N PRO A 327 18.69 34.99 21.79
CA PRO A 327 17.99 36.27 21.86
C PRO A 327 16.81 36.34 20.90
N VAL A 328 16.73 35.47 19.90
CA VAL A 328 15.54 35.46 19.01
C VAL A 328 14.36 34.89 19.80
N TYR A 329 14.57 33.77 20.48
CA TYR A 329 13.58 33.15 21.40
C TYR A 329 13.14 34.21 22.43
N GLN A 330 14.12 34.84 23.07
CA GLN A 330 13.93 35.80 24.19
C GLN A 330 13.02 36.95 23.73
N ALA A 331 13.26 37.47 22.52
CA ALA A 331 12.50 38.63 22.02
C ALA A 331 11.05 38.20 21.74
N TYR A 332 10.82 37.03 21.12
CA TYR A 332 9.48 36.39 20.98
C TYR A 332 8.83 36.23 22.34
N ALA A 333 9.54 35.70 23.33
CA ALA A 333 8.92 35.38 24.63
C ALA A 333 8.55 36.70 25.31
N ALA A 334 9.37 37.74 25.16
CA ALA A 334 9.18 39.03 25.86
C ALA A 334 7.89 39.69 25.34
N GLU A 335 7.46 39.43 24.10
CA GLU A 335 6.26 40.10 23.54
C GLU A 335 5.09 39.11 23.50
N ASN A 336 5.33 37.83 23.78
CA ASN A 336 4.22 36.85 23.74
C ASN A 336 4.38 35.84 24.87
N PRO A 337 3.64 35.97 26.01
CA PRO A 337 3.82 35.09 27.17
C PRO A 337 3.49 33.61 26.91
N ASP A 338 2.80 33.30 25.81
CA ASP A 338 2.36 31.92 25.48
C ASP A 338 3.56 31.00 25.31
N TYR A 339 4.74 31.54 24.96
CA TYR A 339 5.96 30.74 24.70
C TYR A 339 6.47 30.25 26.05
N ALA A 340 6.50 31.14 27.02
CA ALA A 340 6.83 30.77 28.43
C ALA A 340 5.78 29.76 28.96
N THR A 341 4.50 29.95 28.69
CA THR A 341 3.44 29.00 29.13
C THR A 341 3.76 27.61 28.56
N ILE A 342 4.05 27.48 27.28
CA ILE A 342 4.41 26.17 26.65
C ILE A 342 5.63 25.57 27.33
N VAL A 343 6.69 26.37 27.62
CA VAL A 343 7.93 25.86 28.27
C VAL A 343 7.60 25.42 29.69
N ARG A 344 6.85 26.24 30.43
CA ARG A 344 6.42 25.88 31.80
C ARG A 344 5.68 24.55 31.76
N GLN A 345 4.74 24.40 30.83
CA GLN A 345 3.95 23.16 30.76
C GLN A 345 4.85 21.97 30.34
N SER A 346 5.92 22.19 29.55
CA SER A 346 6.83 21.10 29.10
C SER A 346 7.57 20.47 30.28
N ARG A 347 7.53 21.11 31.46
CA ARG A 347 8.11 20.56 32.70
C ARG A 347 7.27 19.42 33.31
N TYR A 348 6.01 19.31 32.93
CA TYR A 348 5.01 18.36 33.49
C TYR A 348 4.49 17.56 32.31
N ALA A 349 5.22 16.48 31.99
CA ALA A 349 5.34 15.84 30.67
C ALA A 349 5.40 14.33 30.87
N LYS A 350 4.44 13.62 30.25
CA LYS A 350 4.28 12.15 30.26
C LYS A 350 4.27 11.66 28.79
N PHE A 351 4.85 10.50 28.57
CA PHE A 351 4.85 9.73 27.30
C PHE A 351 3.89 8.55 27.47
N GLU A 352 3.31 8.16 26.34
CA GLU A 352 2.67 6.86 26.13
C GLU A 352 3.76 5.80 26.05
N PRO A 353 3.42 4.52 26.24
CA PRO A 353 4.44 3.45 26.19
C PRO A 353 5.14 3.48 24.82
N ALA A 354 6.41 3.13 24.82
CA ALA A 354 7.28 3.05 23.63
C ALA A 354 7.27 1.61 23.11
N LEU A 355 6.13 0.94 23.08
CA LEU A 355 6.06 -0.44 22.52
C LEU A 355 6.01 -0.35 21.00
N ALA A 356 6.67 -1.28 20.31
CA ALA A 356 6.68 -1.37 18.84
C ALA A 356 5.24 -1.36 18.30
N GLU A 357 4.29 -1.97 19.02
CA GLU A 357 2.90 -2.16 18.53
C GLU A 357 2.03 -0.95 18.95
N TRP A 358 2.60 0.06 19.62
CA TRP A 358 1.81 1.11 20.29
C TRP A 358 1.00 1.93 19.30
N GLU A 359 1.57 2.14 18.12
CA GLU A 359 0.92 2.97 17.08
C GLU A 359 -0.45 2.33 16.72
N GLN A 360 -0.45 1.04 16.40
CA GLN A 360 -1.67 0.28 16.06
C GLN A 360 -2.64 0.34 17.25
N ILE A 361 -2.17 0.10 18.47
CA ILE A 361 -3.01 0.08 19.70
C ILE A 361 -3.65 1.44 19.97
N ARG A 362 -2.87 2.53 19.89
CA ARG A 362 -3.39 3.87 20.24
C ARG A 362 -4.53 4.28 19.28
N PHE A 363 -4.45 3.95 17.98
CA PHE A 363 -5.45 4.36 16.95
C PHE A 363 -6.56 3.29 16.83
N ASP A 364 -6.23 2.02 16.53
CA ASP A 364 -7.22 0.98 16.11
C ASP A 364 -7.86 0.28 17.30
N ILE A 365 -7.34 0.37 18.52
CA ILE A 365 -7.83 -0.35 19.74
C ILE A 365 -8.29 0.66 20.83
N LEU A 366 -7.36 1.36 21.47
CA LEU A 366 -7.71 2.38 22.51
C LEU A 366 -8.61 3.44 21.87
N GLY A 367 -8.17 4.06 20.76
CA GLY A 367 -8.90 5.07 19.97
C GLY A 367 -10.33 4.69 19.63
N GLN A 368 -10.46 3.48 19.10
CA GLN A 368 -11.77 2.87 18.79
C GLN A 368 -12.65 2.84 20.02
N ALA A 369 -12.13 2.32 21.14
CA ALA A 369 -12.90 2.07 22.38
C ALA A 369 -13.41 3.40 22.94
N ILE A 370 -12.58 4.45 22.87
CA ILE A 370 -12.98 5.82 23.25
C ILE A 370 -14.09 6.32 22.29
N LYS A 371 -13.98 6.02 20.99
CA LYS A 371 -15.03 6.44 20.01
C LYS A 371 -16.35 5.72 20.34
N GLU A 372 -16.26 4.44 20.68
CA GLU A 372 -17.43 3.56 20.96
C GLU A 372 -18.15 4.17 22.17
N ALA A 373 -17.44 4.50 23.23
CA ALA A 373 -18.01 5.07 24.49
C ALA A 373 -18.58 6.45 24.19
N ILE A 374 -17.82 7.29 23.47
CA ILE A 374 -18.19 8.73 23.33
C ILE A 374 -19.24 8.92 22.24
N LEU A 375 -19.10 8.25 21.10
CA LEU A 375 -20.00 8.46 19.94
C LEU A 375 -21.15 7.43 19.91
N ASN A 376 -20.96 6.16 20.36
CA ASN A 376 -22.00 5.09 20.34
C ASN A 376 -22.54 4.81 21.75
N LYS A 377 -22.17 5.61 22.75
CA LYS A 377 -22.60 5.46 24.16
C LYS A 377 -22.30 4.03 24.67
N ALA A 378 -21.24 3.38 24.20
CA ALA A 378 -20.79 2.09 24.75
C ALA A 378 -20.38 2.32 26.21
N ASP A 379 -20.71 1.36 27.09
CA ASP A 379 -20.23 1.36 28.50
C ASP A 379 -18.71 1.52 28.56
N PRO A 380 -18.23 2.54 29.30
CA PRO A 380 -16.79 2.81 29.37
C PRO A 380 -15.98 1.56 29.69
N LYS A 381 -16.36 0.81 30.72
CA LYS A 381 -15.63 -0.40 31.18
C LYS A 381 -15.66 -1.51 30.12
N ALA A 382 -16.85 -1.83 29.57
CA ALA A 382 -16.99 -2.82 28.48
C ALA A 382 -16.18 -2.41 27.23
N ALA A 383 -16.23 -1.13 26.83
CA ALA A 383 -15.40 -0.65 25.69
C ALA A 383 -13.90 -0.87 26.00
N LEU A 384 -13.43 -0.57 27.21
CA LEU A 384 -11.98 -0.70 27.55
C LEU A 384 -11.62 -2.17 27.79
N ASP A 385 -12.58 -2.99 28.28
CA ASP A 385 -12.34 -4.45 28.50
C ASP A 385 -12.09 -5.12 27.14
N ARG A 386 -12.80 -4.67 26.14
CA ARG A 386 -12.62 -5.11 24.75
C ARG A 386 -11.24 -4.63 24.29
N ALA A 387 -10.92 -3.37 24.52
CA ALA A 387 -9.62 -2.84 24.06
C ALA A 387 -8.50 -3.69 24.67
N GLN A 388 -8.62 -4.03 25.96
CA GLN A 388 -7.55 -4.73 26.73
C GLN A 388 -7.35 -6.10 26.07
N LYS A 389 -8.46 -6.80 25.85
CA LYS A 389 -8.49 -8.11 25.17
C LYS A 389 -7.77 -8.02 23.81
N LEU A 390 -8.12 -7.04 22.97
CA LEU A 390 -7.52 -6.90 21.59
C LEU A 390 -6.01 -6.63 21.69
N ALA A 391 -5.61 -5.77 22.63
CA ALA A 391 -4.19 -5.39 22.80
C ALA A 391 -3.39 -6.61 23.29
N GLU A 392 -3.96 -7.39 24.21
CA GLU A 392 -3.28 -8.61 24.71
C GLU A 392 -3.14 -9.64 23.58
N ASP A 393 -4.14 -9.79 22.70
CA ASP A 393 -4.04 -10.66 21.49
C ASP A 393 -2.91 -10.17 20.58
N LEU A 394 -2.84 -8.87 20.35
CA LEU A 394 -1.77 -8.26 19.52
C LEU A 394 -0.39 -8.54 20.17
N LEU A 395 -0.25 -8.30 21.47
CA LEU A 395 1.06 -8.33 22.14
C LEU A 395 1.55 -9.75 22.48
N SER A 396 0.70 -10.79 22.37
CA SER A 396 0.94 -12.11 23.03
C SER A 396 2.08 -12.90 22.37
N SER A 397 2.72 -13.76 23.17
CA SER A 397 3.89 -14.64 22.87
C SER A 397 5.17 -13.79 22.84
N MET B 2 -16.74 -34.03 -0.77
CA MET B 2 -16.79 -32.73 -0.02
C MET B 2 -15.91 -31.71 -0.75
N LYS B 3 -16.51 -30.92 -1.65
CA LYS B 3 -15.72 -30.18 -2.65
C LYS B 3 -15.06 -28.99 -1.94
N PRO B 4 -13.94 -28.46 -2.47
CA PRO B 4 -13.10 -27.55 -1.70
C PRO B 4 -13.81 -26.23 -1.36
N GLU B 5 -14.71 -25.76 -2.25
CA GLU B 5 -15.51 -24.54 -2.03
C GLU B 5 -16.47 -24.74 -0.85
N ASP B 6 -16.93 -25.98 -0.61
CA ASP B 6 -17.76 -26.37 0.57
C ASP B 6 -16.91 -26.26 1.83
N VAL B 7 -15.72 -26.86 1.80
CA VAL B 7 -14.78 -26.76 2.95
C VAL B 7 -14.54 -25.28 3.25
N ILE B 8 -14.30 -24.45 2.25
CA ILE B 8 -14.00 -23.00 2.49
C ILE B 8 -15.24 -22.31 3.10
N LYS B 9 -16.45 -22.60 2.59
CA LYS B 9 -17.73 -22.00 3.09
C LYS B 9 -17.80 -22.22 4.59
N GLU B 10 -17.32 -23.39 5.03
CA GLU B 10 -17.38 -23.86 6.44
C GLU B 10 -16.29 -23.12 7.24
N GLN B 11 -15.05 -23.15 6.77
CA GLN B 11 -13.94 -22.45 7.44
C GLN B 11 -14.38 -20.99 7.67
N CYS B 12 -14.99 -20.39 6.64
CA CYS B 12 -15.34 -18.95 6.63
C CYS B 12 -16.43 -18.67 7.68
N ALA B 13 -17.27 -19.67 7.97
CA ALA B 13 -18.44 -19.58 8.87
C ALA B 13 -17.94 -19.45 10.31
N ARG B 14 -16.83 -20.11 10.60
CA ARG B 14 -16.21 -20.20 11.94
C ARG B 14 -15.12 -19.13 12.12
N ALA B 15 -14.94 -18.22 11.14
CA ALA B 15 -13.92 -17.15 11.16
C ALA B 15 -14.55 -15.85 11.66
N LYS B 16 -13.77 -14.99 12.34
CA LYS B 16 -14.19 -13.63 12.76
C LYS B 16 -13.75 -12.57 11.75
N VAL B 17 -12.82 -12.89 10.83
CA VAL B 17 -12.55 -11.98 9.68
C VAL B 17 -12.41 -12.81 8.39
N VAL B 18 -13.11 -12.38 7.35
CA VAL B 18 -13.13 -13.09 6.04
C VAL B 18 -12.68 -12.06 5.00
N ALA B 19 -11.64 -12.37 4.24
CA ALA B 19 -11.17 -11.54 3.12
C ALA B 19 -11.65 -12.17 1.81
N GLU B 20 -12.55 -11.49 1.11
CA GLU B 20 -13.09 -11.95 -0.20
C GLU B 20 -12.02 -11.75 -1.31
N LEU B 21 -11.89 -12.77 -2.15
CA LEU B 21 -10.98 -12.76 -3.32
C LEU B 21 -11.80 -13.06 -4.57
N TRP B 22 -12.14 -12.03 -5.36
CA TRP B 22 -12.95 -12.21 -6.59
C TRP B 22 -12.02 -12.68 -7.71
N HIS B 23 -12.36 -13.81 -8.32
CA HIS B 23 -11.54 -14.42 -9.41
C HIS B 23 -12.43 -14.75 -10.59
N GLY B 24 -11.77 -15.12 -11.68
CA GLY B 24 -12.36 -15.31 -13.02
C GLY B 24 -12.11 -16.71 -13.55
N PHE B 25 -11.87 -17.66 -12.62
CA PHE B 25 -11.73 -19.09 -12.98
C PHE B 25 -13.13 -19.68 -12.97
N THR B 26 -13.57 -20.17 -14.11
CA THR B 26 -14.92 -20.75 -14.23
C THR B 26 -14.86 -22.22 -13.85
N GLY B 27 -13.67 -22.80 -13.80
CA GLY B 27 -13.55 -24.21 -13.44
C GLY B 27 -12.22 -24.82 -13.79
N GLY B 28 -12.21 -26.14 -14.01
CA GLY B 28 -11.01 -26.95 -14.28
C GLY B 28 -9.94 -26.91 -13.18
N ALA B 29 -8.72 -27.28 -13.56
CA ALA B 29 -7.52 -27.26 -12.70
C ALA B 29 -7.26 -25.87 -12.07
N PRO B 30 -7.41 -24.75 -12.79
CA PRO B 30 -7.20 -23.41 -12.22
C PRO B 30 -8.09 -23.21 -10.98
N LYS B 31 -9.39 -23.35 -11.18
CA LYS B 31 -10.40 -23.25 -10.10
C LYS B 31 -10.02 -24.15 -8.91
N ALA B 32 -9.76 -25.43 -9.16
CA ALA B 32 -9.43 -26.44 -8.12
C ALA B 32 -8.17 -26.01 -7.34
N ALA B 33 -7.12 -25.62 -8.05
CA ALA B 33 -5.82 -25.28 -7.47
C ALA B 33 -5.98 -24.03 -6.60
N LEU B 34 -6.72 -23.02 -7.07
CA LEU B 34 -6.95 -21.80 -6.28
C LEU B 34 -7.63 -22.18 -4.96
N GLU B 35 -8.71 -22.96 -5.04
CA GLU B 35 -9.52 -23.36 -3.87
C GLU B 35 -8.65 -24.16 -2.89
N ASN B 36 -7.90 -25.15 -3.37
CA ASN B 36 -7.04 -26.01 -2.53
C ASN B 36 -6.01 -25.15 -1.79
N LEU B 37 -5.43 -24.21 -2.48
CA LEU B 37 -4.43 -23.26 -1.93
C LEU B 37 -5.12 -22.48 -0.80
N VAL B 38 -6.37 -22.04 -1.01
CA VAL B 38 -7.14 -21.25 0.02
C VAL B 38 -7.45 -22.12 1.24
N VAL B 39 -7.91 -23.34 0.99
CA VAL B 39 -8.23 -24.35 2.05
C VAL B 39 -7.01 -24.41 2.99
N GLU B 40 -5.83 -24.57 2.40
CA GLU B 40 -4.57 -24.81 3.16
C GLU B 40 -4.22 -23.55 3.97
N PHE B 41 -4.34 -22.40 3.36
CA PHE B 41 -4.15 -21.09 4.04
C PHE B 41 -5.08 -21.01 5.25
N ASN B 42 -6.39 -21.14 5.00
CA ASN B 42 -7.45 -21.02 6.02
C ASN B 42 -7.10 -21.94 7.22
N LYS B 43 -6.56 -23.15 6.98
CA LYS B 43 -6.33 -24.14 8.06
C LYS B 43 -5.27 -23.63 9.03
N ALA B 44 -4.21 -22.96 8.56
CA ALA B 44 -3.07 -22.53 9.40
C ALA B 44 -3.38 -21.22 10.12
N GLN B 45 -4.57 -20.66 9.95
CA GLN B 45 -4.97 -19.38 10.58
C GLN B 45 -5.88 -19.73 11.75
N GLN B 46 -5.97 -18.87 12.74
CA GLN B 46 -6.92 -19.00 13.88
C GLN B 46 -8.00 -17.95 13.64
N GLY B 47 -8.94 -18.29 12.78
CA GLY B 47 -10.21 -17.55 12.67
C GLY B 47 -10.11 -16.44 11.67
N ARG B 48 -9.11 -16.47 10.78
CA ARG B 48 -8.95 -15.47 9.69
C ARG B 48 -8.91 -16.21 8.36
N CYS B 49 -9.84 -15.92 7.44
CA CYS B 49 -10.01 -16.73 6.22
C CYS B 49 -10.07 -15.88 4.95
N VAL B 50 -9.76 -16.51 3.83
CA VAL B 50 -10.06 -15.95 2.49
C VAL B 50 -11.22 -16.74 1.90
N ARG B 51 -12.21 -16.04 1.37
CA ARG B 51 -13.35 -16.60 0.63
C ARG B 51 -13.17 -16.28 -0.84
N PRO B 52 -12.76 -17.25 -1.68
CA PRO B 52 -12.72 -17.03 -3.12
C PRO B 52 -14.18 -16.97 -3.61
N VAL B 53 -14.46 -15.97 -4.45
CA VAL B 53 -15.79 -15.72 -5.06
C VAL B 53 -15.58 -15.75 -6.57
N PRO B 54 -16.11 -16.78 -7.27
CA PRO B 54 -16.17 -16.79 -8.74
C PRO B 54 -17.13 -15.73 -9.31
N GLN B 55 -16.65 -14.95 -10.28
CA GLN B 55 -17.41 -13.81 -10.85
C GLN B 55 -17.68 -14.07 -12.32
N GLY B 56 -17.38 -15.27 -12.81
CA GLY B 56 -17.45 -15.61 -14.24
C GLY B 56 -16.04 -15.67 -14.78
N GLY B 57 -15.81 -15.28 -16.03
CA GLY B 57 -14.45 -15.14 -16.61
C GLY B 57 -13.84 -13.80 -16.22
N TYR B 58 -12.67 -13.49 -16.75
CA TYR B 58 -11.89 -12.26 -16.45
C TYR B 58 -12.65 -10.99 -16.84
N ARG B 59 -13.39 -11.04 -17.94
CA ARG B 59 -14.12 -9.82 -18.36
C ARG B 59 -15.35 -9.63 -17.48
N ASP B 60 -16.01 -10.69 -17.08
CA ASP B 60 -17.14 -10.66 -16.12
C ASP B 60 -16.59 -10.09 -14.81
N LEU B 61 -15.40 -10.55 -14.42
CA LEU B 61 -14.70 -10.08 -13.21
C LEU B 61 -14.54 -8.55 -13.24
N SER B 62 -14.01 -7.97 -14.32
CA SER B 62 -13.73 -6.51 -14.40
C SER B 62 -15.05 -5.71 -14.30
N THR B 63 -16.09 -6.18 -14.98
CA THR B 63 -17.45 -5.59 -14.98
C THR B 63 -18.01 -5.58 -13.56
N LYS B 64 -17.92 -6.73 -12.87
CA LYS B 64 -18.34 -6.87 -11.45
C LYS B 64 -17.51 -5.93 -10.57
N ILE B 65 -16.20 -5.85 -10.75
CA ILE B 65 -15.40 -4.87 -9.94
C ILE B 65 -15.90 -3.44 -10.21
N LYS B 66 -16.14 -3.06 -11.47
CA LYS B 66 -16.69 -1.70 -11.82
C LYS B 66 -17.97 -1.43 -11.04
N ALA B 67 -18.92 -2.36 -11.14
CA ALA B 67 -20.21 -2.33 -10.41
C ALA B 67 -19.94 -2.19 -8.91
N ALA B 68 -19.01 -2.98 -8.39
CA ALA B 68 -18.64 -2.93 -6.96
C ALA B 68 -18.24 -1.49 -6.58
N PHE B 69 -17.46 -0.78 -7.42
CA PHE B 69 -17.06 0.62 -7.11
C PHE B 69 -18.31 1.49 -7.01
N ALA B 70 -19.20 1.40 -8.01
CA ALA B 70 -20.46 2.18 -8.03
C ALA B 70 -21.21 1.94 -6.72
N ALA B 71 -21.32 0.67 -6.32
CA ALA B 71 -22.12 0.22 -5.15
C ALA B 71 -21.39 0.54 -3.83
N GLY B 72 -20.08 0.78 -3.86
CA GLY B 72 -19.22 1.03 -2.68
C GLY B 72 -18.97 -0.21 -1.82
N LYS B 73 -18.78 -1.39 -2.44
CA LYS B 73 -18.59 -2.71 -1.77
C LYS B 73 -17.52 -3.50 -2.53
N VAL B 74 -16.27 -3.03 -2.59
CA VAL B 74 -15.17 -3.81 -3.20
C VAL B 74 -14.92 -5.05 -2.33
N PRO B 75 -14.35 -6.13 -2.90
CA PRO B 75 -13.73 -7.19 -2.09
C PRO B 75 -12.37 -6.74 -1.53
N THR B 76 -11.71 -7.57 -0.70
CA THR B 76 -10.36 -7.29 -0.11
C THR B 76 -9.35 -7.47 -1.23
N MET B 77 -9.50 -8.55 -2.02
CA MET B 77 -8.58 -8.88 -3.13
C MET B 77 -9.37 -9.25 -4.40
N ALA B 78 -8.73 -9.11 -5.56
CA ALA B 78 -9.23 -9.64 -6.85
C ALA B 78 -8.06 -9.93 -7.77
N GLN B 79 -8.32 -10.80 -8.75
CA GLN B 79 -7.45 -10.93 -9.92
C GLN B 79 -7.60 -9.67 -10.80
N ALA B 80 -6.48 -9.28 -11.43
CA ALA B 80 -6.34 -8.11 -12.34
C ALA B 80 -5.23 -8.37 -13.36
N PHE B 81 -5.48 -8.05 -14.63
CA PHE B 81 -4.42 -7.86 -15.65
C PHE B 81 -3.81 -6.48 -15.40
N GLU B 82 -2.64 -6.27 -15.99
CA GLU B 82 -1.86 -5.02 -15.89
C GLU B 82 -2.76 -3.83 -16.24
N ASN B 83 -3.60 -3.97 -17.28
CA ASN B 83 -4.45 -2.89 -17.81
C ASN B 83 -5.61 -2.59 -16.83
N ASN B 84 -6.09 -3.63 -16.12
CA ASN B 84 -7.12 -3.53 -15.06
C ASN B 84 -6.43 -2.76 -13.92
N ILE B 85 -5.17 -3.08 -13.60
CA ILE B 85 -4.48 -2.27 -12.53
C ILE B 85 -4.48 -0.79 -12.93
N ALA B 86 -4.00 -0.46 -14.12
CA ALA B 86 -3.94 0.93 -14.63
C ALA B 86 -5.33 1.58 -14.43
N LEU B 87 -6.42 0.88 -14.78
CA LEU B 87 -7.79 1.42 -14.65
C LEU B 87 -8.08 1.69 -13.17
N TYR B 88 -7.83 0.72 -12.30
CA TYR B 88 -8.22 0.85 -10.88
C TYR B 88 -7.36 1.95 -10.25
N LEU B 89 -6.17 2.18 -10.79
CA LEU B 89 -5.29 3.26 -10.27
C LEU B 89 -5.80 4.67 -10.59
N GLU B 90 -6.55 4.87 -11.70
CA GLU B 90 -7.31 6.12 -12.01
C GLU B 90 -8.23 6.46 -10.83
N ALA B 91 -8.91 5.48 -10.27
CA ALA B 91 -9.78 5.64 -9.07
C ALA B 91 -8.94 5.80 -7.79
N LYS B 92 -7.61 5.62 -7.86
CA LYS B 92 -6.68 5.42 -6.70
C LYS B 92 -7.23 4.34 -5.75
N ALA B 93 -7.81 3.26 -6.26
CA ALA B 93 -8.57 2.27 -5.46
C ALA B 93 -7.62 1.21 -4.88
N LEU B 94 -6.32 1.28 -5.17
CA LEU B 94 -5.40 0.14 -4.89
C LEU B 94 -4.33 0.51 -3.86
N LEU B 95 -4.12 -0.41 -2.93
CA LEU B 95 -3.09 -0.33 -1.91
C LEU B 95 -1.77 -0.76 -2.53
N PRO B 96 -0.70 0.03 -2.39
CA PRO B 96 0.63 -0.46 -2.73
C PRO B 96 0.92 -1.72 -1.87
N ILE B 97 1.49 -2.71 -2.54
CA ILE B 97 1.69 -4.07 -1.98
C ILE B 97 2.72 -3.98 -0.86
N GLU B 98 3.78 -3.18 -1.02
CA GLU B 98 4.85 -3.05 0.02
C GLU B 98 4.30 -2.27 1.24
N SER B 99 3.16 -1.57 1.13
CA SER B 99 2.55 -0.88 2.32
CA SER B 99 2.53 -0.88 2.30
C SER B 99 2.03 -1.95 3.28
N LEU B 100 1.74 -3.16 2.78
CA LEU B 100 1.37 -4.32 3.63
C LEU B 100 2.62 -4.98 4.26
N GLY B 101 3.82 -4.61 3.84
CA GLY B 101 5.03 -5.27 4.35
C GLY B 101 5.33 -6.55 3.58
N VAL B 102 4.72 -6.75 2.41
CA VAL B 102 4.97 -7.98 1.58
C VAL B 102 6.28 -7.79 0.83
N LYS B 103 7.20 -8.71 0.99
CA LYS B 103 8.52 -8.69 0.31
C LYS B 103 8.33 -9.36 -1.05
N LEU B 104 8.79 -8.73 -2.12
CA LEU B 104 8.67 -9.21 -3.52
C LEU B 104 10.05 -9.52 -4.11
N GLN B 105 11.13 -9.41 -3.33
CA GLN B 105 12.45 -9.88 -3.78
C GLN B 105 12.31 -11.36 -4.20
N GLY B 106 12.88 -11.73 -5.32
CA GLY B 106 12.80 -13.13 -5.80
C GLY B 106 11.60 -13.33 -6.73
N VAL B 107 10.67 -12.39 -6.80
CA VAL B 107 9.63 -12.42 -7.87
C VAL B 107 10.30 -12.10 -9.22
N ASN B 108 10.13 -12.98 -10.19
CA ASN B 108 10.71 -12.80 -11.55
C ASN B 108 10.40 -11.37 -12.06
N LEU B 109 11.41 -10.63 -12.52
CA LEU B 109 11.23 -9.21 -12.94
C LEU B 109 10.31 -9.12 -14.18
N THR B 110 10.27 -10.16 -15.02
CA THR B 110 9.28 -10.26 -16.11
C THR B 110 7.89 -9.91 -15.54
N PHE B 111 7.54 -10.45 -14.39
CA PHE B 111 6.17 -10.33 -13.80
C PHE B 111 6.13 -9.12 -12.86
N LEU B 112 7.18 -8.92 -12.09
CA LEU B 112 7.20 -7.81 -11.12
C LEU B 112 7.24 -6.46 -11.87
N ASN B 113 8.01 -6.37 -12.95
CA ASN B 113 8.07 -5.09 -13.71
C ASN B 113 6.65 -4.77 -14.17
N ALA B 114 5.87 -5.80 -14.51
CA ALA B 114 4.60 -5.56 -15.24
C ALA B 114 3.57 -4.99 -14.25
N VAL B 115 3.79 -5.13 -12.93
CA VAL B 115 2.82 -4.68 -11.90
C VAL B 115 3.33 -3.39 -11.23
N ARG B 116 4.41 -2.80 -11.73
CA ARG B 116 5.02 -1.58 -11.15
C ARG B 116 4.45 -0.39 -11.92
N PHE B 117 3.78 0.56 -11.26
CA PHE B 117 3.26 1.80 -11.85
C PHE B 117 3.82 3.00 -11.07
N GLY B 118 4.50 3.91 -11.79
CA GLY B 118 5.22 5.07 -11.20
C GLY B 118 6.17 4.61 -10.10
N GLY B 119 6.90 3.52 -10.34
CA GLY B 119 7.87 2.96 -9.41
C GLY B 119 7.21 2.18 -8.29
N VAL B 120 5.88 2.05 -8.24
CA VAL B 120 5.21 1.41 -7.09
C VAL B 120 4.53 0.11 -7.55
N VAL B 121 4.70 -0.96 -6.79
CA VAL B 121 4.04 -2.27 -7.07
C VAL B 121 2.62 -2.29 -6.51
N TYR B 122 1.65 -2.49 -7.40
CA TYR B 122 0.20 -2.49 -7.04
C TYR B 122 -0.45 -3.86 -7.26
N GLY B 123 0.34 -4.88 -7.61
CA GLY B 123 -0.20 -6.24 -7.77
C GLY B 123 0.82 -7.31 -7.40
N VAL B 124 0.34 -8.48 -7.00
CA VAL B 124 1.20 -9.66 -6.76
C VAL B 124 0.95 -10.66 -7.88
N PRO B 125 1.94 -10.89 -8.78
CA PRO B 125 1.86 -11.95 -9.77
C PRO B 125 1.51 -13.26 -9.09
N PHE B 126 0.47 -13.90 -9.58
CA PHE B 126 -0.17 -15.04 -8.92
C PHE B 126 -0.26 -16.19 -9.94
N ASN B 127 -1.10 -16.03 -10.97
CA ASN B 127 -1.42 -17.04 -12.04
C ASN B 127 -0.99 -16.47 -13.37
N LYS B 128 0.31 -16.52 -13.67
CA LYS B 128 0.86 -15.88 -14.87
C LYS B 128 1.19 -16.98 -15.88
N SER B 129 0.73 -16.80 -17.12
CA SER B 129 0.82 -17.81 -18.19
C SER B 129 1.73 -17.27 -19.30
N ILE B 130 2.23 -18.19 -20.11
CA ILE B 130 2.95 -17.87 -21.35
C ILE B 130 2.40 -18.79 -22.45
N GLN B 131 2.24 -18.28 -23.65
CA GLN B 131 1.90 -19.08 -24.83
C GLN B 131 3.00 -20.10 -25.08
N VAL B 132 2.62 -21.29 -25.44
CA VAL B 132 3.55 -22.38 -25.84
C VAL B 132 3.00 -22.97 -27.13
N LEU B 133 3.83 -23.74 -27.84
CA LEU B 133 3.36 -24.56 -28.96
C LEU B 133 2.87 -25.90 -28.43
N TYR B 134 1.57 -26.11 -28.46
CA TYR B 134 0.95 -27.45 -28.24
C TYR B 134 1.07 -28.20 -29.56
N TYR B 135 1.37 -29.48 -29.53
CA TYR B 135 1.39 -30.25 -30.78
C TYR B 135 0.95 -31.70 -30.57
N ASN B 136 0.68 -32.34 -31.70
CA ASN B 136 0.27 -33.77 -31.75
C ASN B 136 1.52 -34.58 -32.08
N LYS B 137 2.17 -35.13 -31.08
CA LYS B 137 3.43 -35.88 -31.28
C LYS B 137 3.20 -37.09 -32.18
N ASP B 138 2.05 -37.77 -32.05
CA ASP B 138 1.64 -38.93 -32.90
C ASP B 138 1.63 -38.51 -34.37
N LEU B 139 0.99 -37.38 -34.68
CA LEU B 139 0.81 -36.96 -36.10
C LEU B 139 2.16 -36.54 -36.70
N LEU B 140 2.99 -35.84 -35.94
CA LEU B 140 4.35 -35.42 -36.43
C LEU B 140 5.19 -36.70 -36.65
N LYS B 141 5.31 -37.60 -35.67
CA LYS B 141 6.12 -38.86 -35.78
C LYS B 141 5.66 -39.64 -37.03
N LYS B 142 4.36 -39.84 -37.16
CA LYS B 142 3.76 -40.51 -38.34
C LYS B 142 4.42 -40.02 -39.63
N HIS B 143 4.61 -38.71 -39.83
CA HIS B 143 5.04 -38.13 -41.14
C HIS B 143 6.51 -37.69 -41.06
N GLY B 144 7.21 -38.07 -39.99
CA GLY B 144 8.63 -37.74 -39.78
C GLY B 144 8.92 -36.25 -39.78
N VAL B 145 8.00 -35.44 -39.26
CA VAL B 145 8.09 -33.94 -39.23
C VAL B 145 8.63 -33.51 -37.87
N PRO B 146 9.84 -32.91 -37.83
CA PRO B 146 10.40 -32.37 -36.60
C PRO B 146 9.48 -31.27 -36.02
N VAL B 147 9.52 -31.13 -34.72
CA VAL B 147 8.91 -29.93 -34.07
C VAL B 147 9.54 -28.72 -34.75
N PRO B 148 8.75 -27.78 -35.30
CA PRO B 148 9.33 -26.60 -35.92
C PRO B 148 9.92 -25.62 -34.91
N ALA B 149 11.14 -25.16 -35.20
CA ALA B 149 11.95 -24.23 -34.38
C ALA B 149 11.75 -22.82 -34.92
N THR B 150 11.52 -22.67 -36.20
CA THR B 150 11.31 -21.34 -36.81
C THR B 150 9.90 -21.24 -37.38
N LEU B 151 9.46 -20.00 -37.52
CA LEU B 151 8.16 -19.63 -38.12
C LEU B 151 8.13 -20.18 -39.56
N GLU B 152 9.24 -20.07 -40.28
CA GLU B 152 9.37 -20.67 -41.62
C GLU B 152 9.08 -22.17 -41.55
N GLU B 153 9.70 -22.88 -40.62
CA GLU B 153 9.57 -24.35 -40.51
C GLU B 153 8.15 -24.71 -40.04
N PHE B 154 7.53 -23.81 -39.26
CA PHE B 154 6.18 -23.96 -38.69
C PHE B 154 5.17 -23.99 -39.84
N VAL B 155 5.21 -22.97 -40.71
CA VAL B 155 4.32 -22.85 -41.89
C VAL B 155 4.53 -24.05 -42.83
N ALA B 156 5.79 -24.46 -43.08
CA ALA B 156 6.08 -25.62 -43.94
C ALA B 156 5.50 -26.90 -43.33
N ALA B 157 5.73 -27.15 -42.04
CA ALA B 157 5.15 -28.29 -41.29
C ALA B 157 3.62 -28.31 -41.46
N ALA B 158 2.93 -27.17 -41.21
CA ALA B 158 1.45 -27.12 -41.23
C ALA B 158 1.01 -27.47 -42.65
N LYS B 159 1.67 -26.95 -43.68
CA LYS B 159 1.27 -27.22 -45.09
C LYS B 159 1.47 -28.69 -45.41
N LYS B 160 2.61 -29.26 -44.99
CA LYS B 160 2.97 -30.67 -45.32
C LYS B 160 2.03 -31.59 -44.56
N LEU B 161 1.72 -31.29 -43.31
CA LEU B 161 0.83 -32.17 -42.49
C LEU B 161 -0.62 -32.07 -43.01
N SER B 162 -1.05 -30.85 -43.39
CA SER B 162 -2.43 -30.57 -43.83
C SER B 162 -2.72 -31.34 -45.11
N ARG B 163 -1.76 -31.30 -46.02
CA ARG B 163 -1.82 -32.00 -47.32
C ARG B 163 -1.82 -33.51 -47.03
N ALA B 164 -0.95 -34.01 -46.15
CA ALA B 164 -0.93 -35.45 -45.81
C ALA B 164 -2.28 -35.92 -45.22
N GLU B 165 -2.93 -35.11 -44.35
CA GLU B 165 -4.09 -35.55 -43.54
C GLU B 165 -5.40 -35.07 -44.15
N GLY B 166 -5.37 -34.21 -45.17
CA GLY B 166 -6.56 -33.70 -45.89
C GLY B 166 -7.35 -32.68 -45.10
N GLY B 167 -6.71 -32.00 -44.14
CA GLY B 167 -7.40 -30.99 -43.31
C GLY B 167 -6.44 -29.99 -42.70
N PRO B 168 -6.89 -28.75 -42.35
CA PRO B 168 -6.02 -27.76 -41.72
C PRO B 168 -5.55 -28.16 -40.31
N VAL B 169 -4.24 -28.29 -40.08
CA VAL B 169 -3.71 -28.90 -38.81
C VAL B 169 -3.26 -27.83 -37.82
N TYR B 170 -3.06 -26.60 -38.23
CA TYR B 170 -2.76 -25.50 -37.30
C TYR B 170 -4.10 -24.93 -36.82
N TRP B 171 -4.43 -25.12 -35.57
CA TRP B 171 -5.73 -24.64 -35.06
C TRP B 171 -5.49 -23.35 -34.30
N PHE B 172 -6.28 -22.33 -34.57
CA PHE B 172 -6.18 -21.06 -33.85
C PHE B 172 -7.53 -20.43 -33.58
N GLN B 173 -7.64 -19.71 -32.48
CA GLN B 173 -8.75 -18.78 -32.18
C GLN B 173 -8.47 -17.46 -32.89
N PRO B 174 -9.43 -16.88 -33.66
CA PRO B 174 -9.23 -15.59 -34.31
C PRO B 174 -9.41 -14.43 -33.30
N ASP B 175 -8.40 -14.24 -32.44
CA ASP B 175 -8.46 -13.30 -31.28
C ASP B 175 -7.11 -12.60 -31.08
N ALA B 176 -7.11 -11.57 -30.24
CA ALA B 176 -5.95 -10.69 -30.04
C ALA B 176 -4.76 -11.52 -29.54
N SER B 177 -5.05 -12.51 -28.71
CA SER B 177 -4.04 -13.37 -28.06
C SER B 177 -3.26 -14.15 -29.15
N THR B 178 -3.92 -14.75 -30.13
CA THR B 178 -3.24 -15.53 -31.20
C THR B 178 -2.49 -14.56 -32.12
N PHE B 179 -3.13 -13.44 -32.44
CA PHE B 179 -2.55 -12.38 -33.29
C PHE B 179 -1.22 -11.90 -32.69
N ALA B 180 -1.18 -11.73 -31.35
CA ALA B 180 -0.01 -11.22 -30.59
C ALA B 180 1.19 -12.13 -30.90
N TYR B 181 1.02 -13.45 -30.85
CA TYR B 181 2.16 -14.36 -31.16
C TYR B 181 2.80 -13.98 -32.53
N PHE B 182 2.00 -13.91 -33.58
CA PHE B 182 2.52 -13.68 -34.98
C PHE B 182 3.05 -12.24 -35.09
N PHE B 183 2.34 -11.30 -34.49
CA PHE B 183 2.65 -9.86 -34.52
C PHE B 183 4.03 -9.63 -33.89
N PHE B 184 4.22 -10.12 -32.66
CA PHE B 184 5.46 -9.92 -31.88
C PHE B 184 6.64 -10.51 -32.66
N ASN B 185 6.43 -11.70 -33.19
CA ASN B 185 7.51 -12.50 -33.82
C ASN B 185 7.76 -12.08 -35.27
N LEU B 186 6.91 -11.22 -35.89
CA LEU B 186 7.26 -10.56 -37.17
C LEU B 186 7.87 -9.15 -36.91
N GLY B 187 8.30 -8.82 -35.70
CA GLY B 187 9.00 -7.54 -35.42
C GLY B 187 8.03 -6.44 -34.97
N GLY B 188 6.81 -6.80 -34.61
CA GLY B 188 5.78 -5.78 -34.36
C GLY B 188 5.85 -5.21 -32.98
N SER B 189 5.36 -3.98 -32.82
CA SER B 189 5.24 -3.37 -31.47
C SER B 189 4.04 -2.44 -31.46
N TYR B 190 3.25 -2.46 -30.38
CA TYR B 190 1.93 -1.81 -30.34
C TYR B 190 2.17 -0.31 -30.17
N LEU B 191 3.20 0.09 -29.45
CA LEU B 191 3.44 1.52 -29.12
C LEU B 191 4.60 2.05 -29.96
N LYS B 192 4.40 3.17 -30.66
CA LYS B 192 5.41 3.89 -31.47
C LYS B 192 5.43 5.32 -30.95
N ASP B 193 6.51 5.70 -30.24
CA ASP B 193 6.65 7.03 -29.58
C ASP B 193 5.41 7.30 -28.73
N GLY B 194 4.96 6.29 -27.98
CA GLY B 194 3.88 6.42 -26.99
C GLY B 194 2.49 6.26 -27.58
N LYS B 195 2.33 6.19 -28.91
CA LYS B 195 0.97 6.11 -29.52
C LYS B 195 0.61 4.64 -29.79
N LEU B 196 -0.64 4.24 -29.57
CA LEU B 196 -1.12 2.87 -29.86
C LEU B 196 -1.36 2.78 -31.37
N VAL B 197 -0.67 1.83 -32.02
CA VAL B 197 -0.74 1.56 -33.48
C VAL B 197 -1.17 0.09 -33.71
N LEU B 198 -2.37 -0.10 -34.27
CA LEU B 198 -3.01 -1.41 -34.51
C LEU B 198 -2.80 -1.83 -35.97
N ASN B 199 -2.42 -0.88 -36.84
CA ASN B 199 -2.41 -1.12 -38.30
C ASN B 199 -1.03 -0.93 -38.92
N SER B 200 0.04 -1.19 -38.19
CA SER B 200 1.45 -1.18 -38.68
C SER B 200 1.65 -2.29 -39.70
N LYS B 201 2.73 -2.25 -40.44
CA LYS B 201 2.92 -3.25 -41.54
C LYS B 201 3.09 -4.64 -40.92
N GLU B 202 3.57 -4.74 -39.66
CA GLU B 202 3.78 -6.06 -39.00
C GLU B 202 2.41 -6.61 -38.61
N ALA B 203 1.49 -5.75 -38.14
CA ALA B 203 0.09 -6.11 -37.87
C ALA B 203 -0.50 -6.67 -39.16
N VAL B 204 -0.39 -5.93 -40.23
CA VAL B 204 -0.96 -6.33 -41.56
C VAL B 204 -0.35 -7.70 -41.96
N GLU B 205 0.98 -7.82 -41.83
CA GLU B 205 1.74 -9.04 -42.19
C GLU B 205 1.23 -10.23 -41.36
N ALA B 206 0.92 -9.99 -40.07
CA ALA B 206 0.57 -11.07 -39.12
C ALA B 206 -0.85 -11.59 -39.45
N LEU B 207 -1.80 -10.67 -39.65
CA LEU B 207 -3.21 -10.97 -39.98
C LEU B 207 -3.31 -11.60 -41.38
N THR B 208 -2.49 -11.15 -42.31
CA THR B 208 -2.37 -11.69 -43.68
C THR B 208 -1.89 -13.16 -43.58
N LEU B 209 -0.88 -13.43 -42.77
CA LEU B 209 -0.36 -14.81 -42.68
C LEU B 209 -1.50 -15.74 -42.21
N LEU B 210 -2.28 -15.33 -41.21
CA LEU B 210 -3.37 -16.18 -40.68
C LEU B 210 -4.43 -16.35 -41.78
N GLN B 211 -4.78 -15.26 -42.46
CA GLN B 211 -5.86 -15.25 -43.48
C GLN B 211 -5.41 -16.14 -44.66
N ASN B 212 -4.18 -16.00 -45.13
CA ASN B 212 -3.56 -16.89 -46.15
C ASN B 212 -3.61 -18.34 -45.67
N GLY B 213 -3.24 -18.58 -44.41
CA GLY B 213 -3.30 -19.90 -43.76
C GLY B 213 -4.66 -20.54 -43.98
N VAL B 214 -5.73 -19.81 -43.70
CA VAL B 214 -7.14 -20.28 -43.91
C VAL B 214 -7.37 -20.59 -45.41
N LYS B 215 -7.09 -19.65 -46.33
CA LYS B 215 -7.31 -19.83 -47.80
C LYS B 215 -6.54 -21.07 -48.31
N GLU B 216 -5.28 -21.22 -47.89
CA GLU B 216 -4.33 -22.21 -48.44
C GLU B 216 -4.59 -23.55 -47.76
N GLY B 217 -5.41 -23.57 -46.71
CA GLY B 217 -5.94 -24.83 -46.17
C GLY B 217 -5.04 -25.43 -45.08
N TRP B 218 -4.14 -24.69 -44.43
CA TRP B 218 -3.31 -25.26 -43.34
C TRP B 218 -3.67 -24.69 -41.94
N ALA B 219 -4.52 -23.66 -41.88
CA ALA B 219 -4.98 -23.00 -40.64
C ALA B 219 -6.50 -23.11 -40.52
N LYS B 220 -6.95 -23.59 -39.36
CA LYS B 220 -8.35 -23.89 -39.03
C LYS B 220 -8.82 -22.89 -37.97
N PRO B 221 -9.73 -21.97 -38.31
CA PRO B 221 -10.23 -21.04 -37.32
C PRO B 221 -11.22 -21.74 -36.39
N ILE B 222 -11.05 -21.58 -35.09
CA ILE B 222 -11.93 -22.22 -34.08
C ILE B 222 -12.85 -21.11 -33.56
N THR B 223 -14.14 -21.24 -33.86
CA THR B 223 -15.13 -20.16 -33.62
C THR B 223 -16.01 -20.48 -32.42
N SER B 224 -16.05 -21.75 -32.00
CA SER B 224 -16.92 -22.20 -30.90
C SER B 224 -16.10 -22.93 -29.80
N GLY B 225 -15.99 -22.33 -28.62
CA GLY B 225 -15.25 -22.94 -27.48
C GLY B 225 -13.75 -22.82 -27.67
N ALA B 226 -12.97 -23.23 -26.68
CA ALA B 226 -11.49 -23.30 -26.69
C ALA B 226 -11.01 -24.32 -27.72
N ILE B 227 -9.77 -24.18 -28.14
CA ILE B 227 -9.16 -25.20 -29.02
C ILE B 227 -9.30 -26.58 -28.41
N ASN B 228 -9.06 -26.74 -27.10
CA ASN B 228 -9.01 -28.07 -26.41
C ASN B 228 -10.41 -28.67 -26.36
N GLN B 229 -11.45 -27.85 -26.45
CA GLN B 229 -12.87 -28.27 -26.50
C GLN B 229 -13.28 -28.74 -27.89
N ASN B 230 -12.48 -28.48 -28.94
CA ASN B 230 -12.79 -28.81 -30.36
C ASN B 230 -11.95 -30.02 -30.80
N LEU B 231 -11.05 -30.49 -29.93
CA LEU B 231 -10.08 -31.55 -30.29
C LEU B 231 -10.87 -32.81 -30.59
N GLY B 232 -10.52 -33.60 -31.60
CA GLY B 232 -11.24 -34.84 -31.93
C GLY B 232 -12.05 -34.75 -33.23
N SER B 233 -12.44 -33.56 -33.73
CA SER B 233 -13.01 -33.42 -35.10
CA SER B 233 -13.01 -33.42 -35.10
C SER B 233 -11.93 -32.94 -36.07
N GLY B 234 -11.41 -33.82 -36.91
CA GLY B 234 -10.40 -33.44 -37.90
C GLY B 234 -8.98 -33.49 -37.34
N PRO B 235 -7.97 -33.60 -38.24
CA PRO B 235 -6.59 -33.75 -37.83
C PRO B 235 -6.12 -32.45 -37.17
N TYR B 236 -5.33 -32.61 -36.10
CA TYR B 236 -4.69 -31.52 -35.35
C TYR B 236 -3.20 -31.79 -35.23
N ALA B 237 -2.38 -30.81 -35.53
CA ALA B 237 -0.89 -30.85 -35.45
C ALA B 237 -0.39 -29.88 -34.40
N PHE B 238 -0.91 -28.66 -34.37
CA PHE B 238 -0.40 -27.61 -33.48
C PHE B 238 -1.45 -26.55 -33.13
N SER B 239 -1.20 -25.92 -32.01
CA SER B 239 -1.78 -24.62 -31.63
C SER B 239 -0.76 -23.81 -30.80
N VAL B 240 -0.97 -22.52 -30.82
CA VAL B 240 -0.28 -21.58 -29.92
C VAL B 240 -1.33 -21.11 -28.89
N ASP B 241 -1.06 -21.37 -27.63
CA ASP B 241 -2.13 -21.22 -26.63
C ASP B 241 -1.47 -21.06 -25.27
N THR B 242 -2.21 -20.43 -24.36
CA THR B 242 -1.80 -20.29 -22.95
C THR B 242 -1.31 -21.64 -22.39
N SER B 243 -0.24 -21.54 -21.62
CA SER B 243 0.26 -22.64 -20.76
C SER B 243 -0.82 -23.04 -19.75
N ALA B 244 -1.75 -22.15 -19.35
CA ALA B 244 -2.80 -22.53 -18.39
C ALA B 244 -3.83 -23.48 -19.00
N GLY B 245 -3.82 -23.70 -20.30
CA GLY B 245 -4.70 -24.69 -20.95
C GLY B 245 -4.09 -26.09 -20.90
N TYR B 246 -2.93 -26.27 -20.25
CA TYR B 246 -2.18 -27.57 -20.29
C TYR B 246 -3.10 -28.70 -19.87
N THR B 247 -3.69 -28.58 -18.68
CA THR B 247 -4.54 -29.66 -18.10
C THR B 247 -5.72 -29.86 -19.02
N TYR B 248 -6.30 -28.80 -19.61
CA TYR B 248 -7.46 -28.93 -20.53
C TYR B 248 -7.06 -29.69 -21.80
N TYR B 249 -5.91 -29.40 -22.36
CA TYR B 249 -5.37 -30.17 -23.53
C TYR B 249 -5.20 -31.64 -23.16
N LEU B 250 -4.56 -31.94 -22.02
CA LEU B 250 -4.24 -33.32 -21.60
C LEU B 250 -5.55 -34.12 -21.40
N ARG B 251 -6.57 -33.55 -20.76
CA ARG B 251 -7.81 -34.30 -20.49
C ARG B 251 -8.57 -34.53 -21.80
N ALA B 252 -8.52 -33.59 -22.75
CA ALA B 252 -9.32 -33.73 -23.99
C ALA B 252 -8.59 -34.61 -25.03
N ALA B 253 -7.26 -34.58 -25.07
CA ALA B 253 -6.46 -35.05 -26.24
C ALA B 253 -6.59 -36.57 -26.35
N LYS B 254 -7.02 -37.11 -27.49
CA LYS B 254 -7.07 -38.58 -27.70
C LYS B 254 -5.72 -39.11 -28.25
N PHE B 255 -4.79 -38.23 -28.55
CA PHE B 255 -3.40 -38.45 -29.06
C PHE B 255 -2.38 -38.07 -27.99
N ASP B 256 -1.11 -38.35 -28.25
CA ASP B 256 0.02 -38.01 -27.34
C ASP B 256 0.36 -36.51 -27.44
N LEU B 257 0.07 -35.77 -26.39
CA LEU B 257 0.17 -34.28 -26.42
C LEU B 257 1.62 -33.90 -26.24
N GLY B 258 2.10 -33.00 -27.08
CA GLY B 258 3.45 -32.41 -26.89
C GLY B 258 3.35 -30.97 -26.51
N VAL B 259 4.38 -30.49 -25.79
CA VAL B 259 4.56 -29.06 -25.54
C VAL B 259 5.99 -28.70 -25.92
N ALA B 260 6.10 -27.61 -26.67
CA ALA B 260 7.40 -27.08 -27.16
C ALA B 260 7.45 -25.58 -26.94
N THR B 261 8.67 -25.02 -27.02
CA THR B 261 8.91 -23.57 -27.09
C THR B 261 8.38 -23.08 -28.42
N LEU B 262 7.96 -21.80 -28.46
CA LEU B 262 7.36 -21.17 -29.65
C LEU B 262 8.40 -21.12 -30.75
N PRO B 263 7.98 -21.34 -32.01
CA PRO B 263 8.81 -21.01 -33.16
C PRO B 263 9.21 -19.52 -33.15
N GLY B 264 10.47 -19.26 -33.47
CA GLY B 264 11.06 -17.92 -33.59
C GLY B 264 11.46 -17.59 -35.01
N ARG B 265 11.81 -16.32 -35.26
CA ARG B 265 12.26 -15.88 -36.61
C ARG B 265 13.46 -16.75 -37.00
N THR B 266 14.38 -17.02 -36.06
CA THR B 266 15.55 -17.91 -36.30
C THR B 266 15.65 -18.98 -35.21
N LYS B 267 16.50 -19.98 -35.43
CA LYS B 267 16.84 -21.03 -34.43
C LYS B 267 17.68 -20.44 -33.28
N GLY B 268 18.15 -19.20 -33.40
CA GLY B 268 19.05 -18.57 -32.41
C GLY B 268 18.34 -18.27 -31.10
N GLN B 269 17.00 -18.35 -31.08
CA GLN B 269 16.15 -17.95 -29.93
C GLN B 269 14.72 -18.41 -30.20
N PRO B 270 13.99 -18.94 -29.19
CA PRO B 270 12.55 -19.19 -29.35
C PRO B 270 11.79 -17.90 -29.62
N GLY B 271 10.60 -18.03 -30.24
CA GLY B 271 9.68 -16.89 -30.47
C GLY B 271 9.22 -16.34 -29.15
N TYR B 272 8.81 -15.07 -29.09
CA TYR B 272 8.17 -14.48 -27.90
C TYR B 272 6.74 -15.04 -27.76
N GLY B 273 6.32 -15.40 -26.55
CA GLY B 273 4.92 -15.74 -26.22
C GLY B 273 4.24 -14.57 -25.51
N LEU B 274 2.93 -14.54 -25.56
CA LEU B 274 2.15 -13.48 -24.86
C LEU B 274 1.99 -13.93 -23.43
N VAL B 275 2.29 -13.02 -22.51
CA VAL B 275 2.06 -13.27 -21.07
C VAL B 275 0.59 -12.96 -20.80
N GLN B 276 -0.13 -13.92 -20.23
CA GLN B 276 -1.53 -13.74 -19.79
C GLN B 276 -1.69 -14.16 -18.31
N GLY B 277 -2.93 -14.45 -17.88
CA GLY B 277 -3.27 -14.63 -16.47
C GLY B 277 -3.11 -13.33 -15.72
N THR B 278 -3.11 -13.40 -14.38
CA THR B 278 -3.51 -12.27 -13.49
C THR B 278 -2.59 -12.15 -12.27
N ASN B 279 -2.68 -10.95 -11.70
CA ASN B 279 -2.01 -10.50 -10.48
C ASN B 279 -3.10 -10.35 -9.42
N LEU B 280 -2.74 -10.49 -8.13
CA LEU B 280 -3.66 -10.20 -7.02
C LEU B 280 -3.49 -8.76 -6.60
N VAL B 281 -4.58 -8.05 -6.49
CA VAL B 281 -4.56 -6.64 -5.98
C VAL B 281 -5.34 -6.62 -4.68
N VAL B 282 -5.19 -5.54 -3.95
CA VAL B 282 -5.80 -5.30 -2.61
C VAL B 282 -6.39 -3.90 -2.65
N PHE B 283 -7.67 -3.82 -2.34
CA PHE B 283 -8.47 -2.59 -2.48
C PHE B 283 -8.34 -1.77 -1.22
N ARG B 284 -8.02 -0.49 -1.36
CA ARG B 284 -7.92 0.46 -0.22
C ARG B 284 -9.15 0.36 0.69
N GLN B 285 -10.35 0.14 0.16
CA GLN B 285 -11.62 0.19 0.94
C GLN B 285 -11.69 -0.94 1.98
N ALA B 286 -11.03 -2.09 1.75
CA ALA B 286 -10.97 -3.18 2.75
C ALA B 286 -10.53 -2.65 4.15
N SER B 287 -10.98 -3.31 5.22
CA SER B 287 -10.64 -2.97 6.64
C SER B 287 -9.19 -3.33 6.97
N LYS B 288 -8.60 -2.65 7.95
CA LYS B 288 -7.24 -2.97 8.44
C LYS B 288 -7.14 -4.49 8.65
N GLU B 289 -8.09 -5.11 9.37
CA GLU B 289 -8.11 -6.56 9.71
C GLU B 289 -8.10 -7.37 8.40
N GLU B 290 -8.90 -6.97 7.40
CA GLU B 290 -9.06 -7.67 6.12
C GLU B 290 -7.70 -7.63 5.40
N GLN B 291 -7.08 -6.46 5.42
CA GLN B 291 -5.80 -6.20 4.76
C GLN B 291 -4.72 -7.05 5.41
N ALA B 292 -4.85 -7.31 6.71
CA ALA B 292 -3.90 -8.17 7.45
C ALA B 292 -3.98 -9.62 6.94
N VAL B 293 -5.19 -10.13 6.71
CA VAL B 293 -5.38 -11.47 6.08
C VAL B 293 -4.80 -11.41 4.66
N ALA B 294 -5.12 -10.38 3.89
CA ALA B 294 -4.51 -10.19 2.55
C ALA B 294 -2.99 -10.31 2.69
N LYS B 295 -2.40 -9.58 3.63
CA LYS B 295 -0.92 -9.60 3.84
C LYS B 295 -0.41 -11.04 3.97
N ASP B 296 -0.99 -11.83 4.88
CA ASP B 296 -0.61 -13.24 5.12
C ASP B 296 -0.89 -14.10 3.88
N PHE B 297 -2.02 -13.89 3.21
CA PHE B 297 -2.41 -14.72 2.04
C PHE B 297 -1.39 -14.51 0.92
N LEU B 298 -1.04 -13.25 0.69
CA LEU B 298 -0.04 -12.90 -0.35
C LEU B 298 1.35 -13.47 -0.01
N GLU B 299 1.81 -13.45 1.25
CA GLU B 299 3.10 -14.09 1.59
C GLU B 299 2.99 -15.59 1.33
N PHE B 300 1.84 -16.20 1.62
CA PHE B 300 1.62 -17.65 1.44
C PHE B 300 1.70 -18.01 -0.05
N VAL B 301 0.96 -17.28 -0.87
CA VAL B 301 0.89 -17.48 -2.36
C VAL B 301 2.27 -17.29 -3.03
N LEU B 302 3.12 -16.43 -2.50
CA LEU B 302 4.51 -16.21 -2.97
C LEU B 302 5.51 -17.23 -2.34
N SER B 303 5.09 -18.13 -1.46
CA SER B 303 6.00 -19.13 -0.80
C SER B 303 6.35 -20.16 -1.85
N PRO B 304 7.53 -20.77 -1.79
CA PRO B 304 7.98 -21.72 -2.81
C PRO B 304 7.00 -22.88 -2.99
N ARG B 305 6.48 -23.44 -1.88
CA ARG B 305 5.60 -24.62 -1.92
C ARG B 305 4.28 -24.28 -2.60
N ALA B 306 3.62 -23.18 -2.21
CA ALA B 306 2.35 -22.74 -2.78
C ALA B 306 2.50 -22.56 -4.29
N GLN B 307 3.55 -21.84 -4.71
CA GLN B 307 3.87 -21.67 -6.16
C GLN B 307 4.14 -23.03 -6.81
N ALA B 308 4.94 -23.90 -6.22
CA ALA B 308 5.27 -25.22 -6.82
C ALA B 308 3.96 -25.98 -7.13
N VAL B 309 3.08 -26.06 -6.14
CA VAL B 309 1.83 -26.88 -6.20
C VAL B 309 0.91 -26.20 -7.22
N PHE B 310 0.67 -24.88 -7.13
CA PHE B 310 -0.18 -24.15 -8.11
C PHE B 310 0.34 -24.41 -9.53
N ALA B 311 1.62 -24.18 -9.79
CA ALA B 311 2.17 -24.25 -11.16
C ALA B 311 2.11 -25.67 -11.72
N THR B 312 2.45 -26.66 -10.93
CA THR B 312 2.45 -28.05 -11.41
C THR B 312 0.98 -28.48 -11.60
N ALA B 313 -0.01 -27.97 -10.84
CA ALA B 313 -1.40 -28.44 -11.02
C ALA B 313 -2.03 -27.82 -12.30
N THR B 314 -1.48 -26.73 -12.79
CA THR B 314 -2.22 -25.90 -13.78
C THR B 314 -1.48 -25.72 -15.11
N GLY B 315 -0.16 -25.51 -15.07
CA GLY B 315 0.58 -25.05 -16.26
C GLY B 315 0.92 -23.58 -16.25
N TYR B 316 0.47 -22.86 -15.22
CA TYR B 316 0.90 -21.47 -14.98
C TYR B 316 2.40 -21.48 -14.70
N VAL B 317 3.06 -20.34 -14.90
CA VAL B 317 4.54 -20.19 -14.69
C VAL B 317 4.74 -19.86 -13.20
N PRO B 318 5.63 -20.59 -12.51
CA PRO B 318 6.01 -20.21 -11.15
C PRO B 318 6.57 -18.79 -11.22
N VAL B 319 6.14 -17.92 -10.30
CA VAL B 319 6.46 -16.47 -10.39
C VAL B 319 7.78 -16.16 -9.67
N THR B 320 8.36 -17.14 -8.96
CA THR B 320 9.52 -16.95 -8.05
C THR B 320 10.61 -17.97 -8.36
N GLU B 321 11.85 -17.48 -8.29
CA GLU B 321 13.10 -18.30 -8.23
CA GLU B 321 13.14 -18.22 -8.10
C GLU B 321 12.97 -19.45 -7.19
N GLY B 322 12.37 -19.20 -6.03
CA GLY B 322 12.25 -20.19 -4.93
C GLY B 322 11.43 -21.40 -5.34
N ALA B 323 10.33 -21.15 -6.07
CA ALA B 323 9.47 -22.22 -6.61
C ALA B 323 10.31 -23.29 -7.34
N LEU B 324 11.34 -22.89 -8.07
CA LEU B 324 12.08 -23.81 -8.96
C LEU B 324 12.97 -24.68 -8.09
N LYS B 325 13.28 -24.23 -6.88
CA LYS B 325 14.17 -24.96 -5.96
C LYS B 325 13.31 -25.78 -5.00
N ASP B 326 11.99 -25.65 -5.06
CA ASP B 326 11.13 -26.47 -4.17
C ASP B 326 11.18 -27.92 -4.63
N PRO B 327 11.32 -28.91 -3.71
CA PRO B 327 11.42 -30.32 -4.14
C PRO B 327 10.12 -30.87 -4.72
N VAL B 328 8.99 -30.25 -4.44
CA VAL B 328 7.72 -30.74 -5.03
C VAL B 328 7.70 -30.37 -6.51
N TYR B 329 8.06 -29.12 -6.84
CA TYR B 329 8.27 -28.69 -8.24
C TYR B 329 9.27 -29.64 -8.93
N GLN B 330 10.42 -29.86 -8.29
CA GLN B 330 11.57 -30.63 -8.85
C GLN B 330 11.09 -32.05 -9.21
N ALA B 331 10.27 -32.66 -8.36
CA ALA B 331 9.82 -34.05 -8.58
C ALA B 331 8.83 -34.08 -9.76
N TYR B 332 7.90 -33.14 -9.85
CA TYR B 332 7.05 -32.94 -11.07
C TYR B 332 7.90 -32.72 -12.30
N ALA B 333 8.90 -31.83 -12.22
CA ALA B 333 9.70 -31.48 -13.41
C ALA B 333 10.49 -32.72 -13.85
N ALA B 334 11.00 -33.51 -12.90
CA ALA B 334 11.92 -34.63 -13.22
C ALA B 334 11.14 -35.76 -13.89
N GLU B 335 9.82 -35.82 -13.73
CA GLU B 335 8.97 -36.90 -14.29
C GLU B 335 8.21 -36.34 -15.49
N ASN B 336 8.20 -35.03 -15.71
CA ASN B 336 7.39 -34.44 -16.81
C ASN B 336 8.13 -33.21 -17.38
N PRO B 337 8.87 -33.32 -18.53
CA PRO B 337 9.69 -32.20 -19.01
C PRO B 337 8.90 -30.98 -19.48
N ASP B 338 7.57 -31.09 -19.64
CA ASP B 338 6.69 -29.99 -20.09
C ASP B 338 6.78 -28.80 -19.12
N TYR B 339 7.17 -29.04 -17.86
CA TYR B 339 7.22 -27.96 -16.84
C TYR B 339 8.44 -27.11 -17.10
N ALA B 340 9.56 -27.75 -17.40
CA ALA B 340 10.78 -27.09 -17.86
C ALA B 340 10.49 -26.33 -19.18
N THR B 341 9.75 -26.92 -20.11
CA THR B 341 9.41 -26.27 -21.41
C THR B 341 8.65 -24.97 -21.11
N ILE B 342 7.62 -24.99 -20.26
CA ILE B 342 6.86 -23.76 -19.88
C ILE B 342 7.78 -22.74 -19.25
N VAL B 343 8.70 -23.12 -18.34
CA VAL B 343 9.65 -22.17 -17.67
C VAL B 343 10.62 -21.62 -18.73
N ARG B 344 11.17 -22.49 -19.59
CA ARG B 344 12.06 -22.06 -20.69
C ARG B 344 11.32 -21.02 -21.54
N GLN B 345 10.07 -21.30 -21.91
CA GLN B 345 9.33 -20.37 -22.77
C GLN B 345 9.05 -19.06 -22.00
N SER B 346 8.90 -19.11 -20.66
CA SER B 346 8.58 -17.88 -19.85
C SER B 346 9.74 -16.88 -19.89
N ARG B 347 10.92 -17.30 -20.34
CA ARG B 347 12.08 -16.39 -20.53
C ARG B 347 11.93 -15.47 -21.76
N TYR B 348 11.04 -15.79 -22.70
CA TYR B 348 10.80 -15.05 -23.97
C TYR B 348 9.34 -14.61 -23.98
N ALA B 349 9.11 -13.45 -23.34
CA ALA B 349 7.81 -13.08 -22.73
C ALA B 349 7.55 -11.61 -23.04
N LYS B 350 6.42 -11.35 -23.73
CA LYS B 350 5.93 -10.02 -24.17
C LYS B 350 4.54 -9.75 -23.58
N PHE B 351 4.31 -8.50 -23.20
CA PHE B 351 3.02 -7.96 -22.71
C PHE B 351 2.38 -7.08 -23.77
N GLU B 352 1.06 -7.10 -23.76
CA GLU B 352 0.18 -6.13 -24.44
C GLU B 352 0.25 -4.85 -23.63
N PRO B 353 -0.09 -3.69 -24.22
CA PRO B 353 -0.01 -2.42 -23.49
C PRO B 353 -0.91 -2.47 -22.24
N ALA B 354 -0.51 -1.79 -21.19
CA ALA B 354 -1.19 -1.68 -19.90
C ALA B 354 -2.05 -0.42 -19.87
N LEU B 355 -2.70 -0.06 -20.96
CA LEU B 355 -3.61 1.11 -20.99
C LEU B 355 -4.94 0.75 -20.31
N ALA B 356 -5.53 1.69 -19.57
CA ALA B 356 -6.81 1.48 -18.87
C ALA B 356 -7.88 0.96 -19.84
N GLU B 357 -7.87 1.40 -21.11
CA GLU B 357 -8.91 1.07 -22.11
C GLU B 357 -8.53 -0.22 -22.86
N TRP B 358 -7.39 -0.87 -22.57
CA TRP B 358 -6.84 -1.98 -23.38
C TRP B 358 -7.82 -3.17 -23.43
N GLU B 359 -8.54 -3.42 -22.34
CA GLU B 359 -9.43 -4.61 -22.25
C GLU B 359 -10.52 -4.46 -23.33
N GLN B 360 -11.16 -3.28 -23.38
CA GLN B 360 -12.16 -2.93 -24.41
C GLN B 360 -11.56 -3.09 -25.81
N ILE B 361 -10.39 -2.52 -26.05
CA ILE B 361 -9.68 -2.54 -27.36
C ILE B 361 -9.37 -3.97 -27.81
N ARG B 362 -8.81 -4.79 -26.92
CA ARG B 362 -8.32 -6.12 -27.33
C ARG B 362 -9.51 -7.00 -27.76
N PHE B 363 -10.68 -6.91 -27.12
CA PHE B 363 -11.88 -7.74 -27.40
C PHE B 363 -12.73 -7.07 -28.50
N ASP B 364 -13.21 -5.84 -28.32
CA ASP B 364 -14.29 -5.28 -29.18
C ASP B 364 -13.77 -4.56 -30.43
N ILE B 365 -12.47 -4.23 -30.52
CA ILE B 365 -11.84 -3.48 -31.65
C ILE B 365 -10.79 -4.38 -32.36
N LEU B 366 -9.65 -4.66 -31.75
CA LEU B 366 -8.60 -5.53 -32.39
C LEU B 366 -9.21 -6.90 -32.68
N GLY B 367 -9.84 -7.53 -31.67
CA GLY B 367 -10.51 -8.86 -31.77
C GLY B 367 -11.51 -8.93 -32.91
N GLN B 368 -12.38 -7.93 -32.99
CA GLN B 368 -13.36 -7.81 -34.08
C GLN B 368 -12.65 -7.83 -35.42
N ALA B 369 -11.62 -7.00 -35.58
CA ALA B 369 -10.91 -6.77 -36.88
C ALA B 369 -10.32 -8.10 -37.36
N ILE B 370 -9.73 -8.87 -36.44
CA ILE B 370 -9.19 -10.23 -36.69
C ILE B 370 -10.35 -11.17 -37.10
N LYS B 371 -11.52 -11.06 -36.45
CA LYS B 371 -12.69 -11.90 -36.82
C LYS B 371 -13.16 -11.54 -38.24
N GLU B 372 -13.20 -10.25 -38.54
CA GLU B 372 -13.69 -9.71 -39.83
C GLU B 372 -12.78 -10.32 -40.92
N ALA B 373 -11.46 -10.26 -40.76
CA ALA B 373 -10.50 -10.72 -41.77
C ALA B 373 -10.59 -12.24 -41.88
N ILE B 374 -10.62 -12.93 -40.73
CA ILE B 374 -10.45 -14.41 -40.72
C ILE B 374 -11.79 -15.09 -41.06
N LEU B 375 -12.91 -14.60 -40.52
CA LEU B 375 -14.23 -15.26 -40.73
C LEU B 375 -15.03 -14.64 -41.91
N ASN B 376 -14.94 -13.32 -42.17
CA ASN B 376 -15.70 -12.61 -43.23
C ASN B 376 -14.80 -12.20 -44.39
N LYS B 377 -13.55 -12.65 -44.40
CA LYS B 377 -12.58 -12.42 -45.50
C LYS B 377 -12.45 -10.90 -45.75
N ALA B 378 -12.58 -10.07 -44.70
CA ALA B 378 -12.29 -8.64 -44.83
C ALA B 378 -10.78 -8.50 -45.13
N ASP B 379 -10.42 -7.54 -45.97
CA ASP B 379 -8.99 -7.21 -46.26
C ASP B 379 -8.24 -6.93 -44.95
N PRO B 380 -7.13 -7.63 -44.72
CA PRO B 380 -6.36 -7.49 -43.48
C PRO B 380 -6.11 -6.02 -43.13
N LYS B 381 -5.55 -5.25 -44.07
CA LYS B 381 -5.21 -3.81 -43.87
C LYS B 381 -6.46 -2.95 -43.58
N ALA B 382 -7.52 -3.08 -44.40
CA ALA B 382 -8.82 -2.37 -44.19
C ALA B 382 -9.45 -2.73 -42.82
N ALA B 383 -9.46 -4.00 -42.46
CA ALA B 383 -9.92 -4.41 -41.11
C ALA B 383 -9.06 -3.73 -40.00
N LEU B 384 -7.74 -3.65 -40.14
CA LEU B 384 -6.88 -3.05 -39.09
C LEU B 384 -6.95 -1.53 -39.14
N ASP B 385 -7.18 -0.94 -40.33
CA ASP B 385 -7.28 0.54 -40.47
C ASP B 385 -8.53 1.00 -39.71
N ARG B 386 -9.59 0.18 -39.78
CA ARG B 386 -10.84 0.41 -39.05
C ARG B 386 -10.54 0.25 -37.56
N ALA B 387 -9.88 -0.82 -37.16
CA ALA B 387 -9.49 -1.01 -35.74
C ALA B 387 -8.76 0.22 -35.22
N GLN B 388 -7.76 0.73 -35.98
CA GLN B 388 -6.87 1.84 -35.55
C GLN B 388 -7.74 3.10 -35.34
N LYS B 389 -8.61 3.37 -36.30
CA LYS B 389 -9.52 4.52 -36.28
C LYS B 389 -10.44 4.43 -35.06
N LEU B 390 -11.05 3.27 -34.78
CA LEU B 390 -11.96 3.09 -33.58
C LEU B 390 -11.18 3.33 -32.29
N ALA B 391 -9.96 2.79 -32.21
CA ALA B 391 -9.16 2.87 -30.96
C ALA B 391 -8.72 4.32 -30.76
N GLU B 392 -8.34 5.02 -31.82
CA GLU B 392 -7.99 6.47 -31.75
C GLU B 392 -9.18 7.30 -31.29
N ASP B 393 -10.39 6.98 -31.76
CA ASP B 393 -11.63 7.66 -31.27
C ASP B 393 -11.82 7.40 -29.78
N LEU B 394 -11.65 6.16 -29.35
CA LEU B 394 -11.79 5.76 -27.92
C LEU B 394 -10.75 6.51 -27.09
N LEU B 395 -9.49 6.54 -27.55
CA LEU B 395 -8.38 7.16 -26.79
C LEU B 395 -8.37 8.70 -26.94
N SER B 396 -9.13 9.32 -27.85
CA SER B 396 -9.10 10.80 -28.05
C SER B 396 -10.28 11.49 -27.33
NA NA C . -1.47 21.08 8.28
C CO2 D . -4.48 15.41 17.68
O1 CO2 D . -3.88 15.97 18.54
O2 CO2 D . -5.11 15.07 16.75
C1 EDO E . 12.38 4.55 26.59
O1 EDO E . 12.76 3.19 26.75
C2 EDO E . 12.21 4.91 25.17
O2 EDO E . 11.16 5.85 24.87
C1 GOL F . -2.13 14.23 39.33
O1 GOL F . -1.54 13.05 38.78
C2 GOL F . -1.68 15.48 38.59
O2 GOL F . -2.80 16.23 38.13
C3 GOL F . -0.77 16.37 39.41
O3 GOL F . -0.47 17.57 38.72
C10 FGO G . -0.36 14.21 16.82
C11 FGO G . -0.37 11.94 16.94
C12 FGO G . 0.83 9.87 16.92
C13 FGO G . 1.52 9.05 17.90
C14 FGO G . 0.66 10.77 18.88
C15 FGO G . 2.17 7.82 17.40
C16 FGO G . 1.48 8.35 15.26
C17 FGO G . -1.70 12.34 17.57
C18 FGO G . -1.77 13.79 17.19
C21 FGO G . -2.91 11.68 16.96
O12 FGO G . 3.33 17.04 16.26
P FGO G . 2.04 17.13 16.99
O11 FGO G . 2.17 17.70 18.48
O FGO G . 1.01 18.10 16.15
C FGO G . 0.79 18.03 14.75
C3 FGO G . 1.38 19.26 14.08
C4 FGO G . 1.89 18.93 12.68
O3 FGO G . 0.85 18.27 12.00
O2 FGO G . 0.37 20.24 14.00
C2 FGO G . -0.86 19.70 14.49
N FGO G . -1.99 20.19 13.66
C8 FGO G . -2.09 20.00 12.29
C7 FGO G . -3.20 20.50 11.60
C6 FGO G . -4.20 21.18 12.31
O5 FGO G . -5.23 21.68 11.78
N1 FGO G . -4.08 21.35 13.62
C5 FGO G . -3.02 20.88 14.29
O4 FGO G . -2.97 21.10 15.53
C1 FGO G . -0.66 18.15 14.45
O1 FGO G . -1.36 17.27 15.36
O6 FGO G . 1.45 15.67 17.19
C9 FGO G . 0.12 15.42 17.61
C19 FGO G . -2.65 13.89 15.97
C20 FGO G . -3.35 12.55 15.80
O9 FGO G . -2.88 11.94 14.61
O10 FGO G . -4.77 12.70 15.67
O7 FGO G . 0.47 13.07 17.05
N2 FGO G . 0.36 10.88 17.59
N3 FGO G . 1.38 9.64 19.08
N5 FGO G . 0.85 9.51 15.63
N6 FGO G . 1.50 7.94 13.97
N4 FGO G . 2.11 7.53 16.11
O8 FGO G . 2.75 7.06 18.18
C CO2 H . 2.85 -30.88 0.26
O1 CO2 H . 2.79 -29.72 0.28
O2 CO2 H . 3.10 -32.01 0.44
C1 GOL I . 11.92 -12.16 -33.38
O1 GOL I . 11.35 -10.98 -32.82
C2 GOL I . 11.60 -13.37 -32.53
O2 GOL I . 11.12 -14.44 -33.35
C3 GOL I . 12.78 -13.81 -31.68
O3 GOL I . 12.58 -15.10 -31.11
C10 FGO J . -7.08 -15.52 -21.35
C11 FGO J . -7.63 -13.36 -21.84
C12 FGO J . -7.64 -11.09 -21.10
C13 FGO J . -6.74 -9.96 -21.12
C14 FGO J . -5.79 -11.64 -22.09
C15 FGO J . -7.21 -8.73 -20.48
C16 FGO J . -9.24 -9.81 -19.97
C17 FGO J . -7.59 -14.04 -23.19
C18 FGO J . -7.26 -15.48 -22.87
C21 FGO J . -8.95 -14.03 -23.82
O12 FGO J . -5.04 -17.23 -17.34
P FGO J . -4.96 -17.47 -18.78
O11 FGO J . -3.48 -17.67 -19.31
O FGO J . -5.75 -18.83 -19.11
C FGO J . -7.14 -19.05 -18.72
C3 FGO J . -7.23 -20.07 -17.60
C4 FGO J . -8.38 -19.74 -16.65
O3 FGO J . -9.60 -19.81 -17.39
O2 FGO J . -7.48 -21.35 -18.22
C2 FGO J . -7.64 -21.18 -19.64
N FGO J . -8.66 -22.11 -20.14
C8 FGO J . -9.92 -22.17 -19.59
C7 FGO J . -10.85 -23.06 -20.10
C6 FGO J . -10.48 -23.89 -21.18
O5 FGO J . -11.27 -24.73 -21.67
N1 FGO J . -9.24 -23.82 -21.72
C5 FGO J . -8.35 -22.98 -21.22
O4 FGO J . -7.23 -22.97 -21.74
C1 FGO J . -7.96 -19.70 -19.81
O1 FGO J . -7.61 -19.16 -21.09
O6 FGO J . -5.64 -16.22 -19.47
C9 FGO J . -5.91 -16.35 -20.88
C19 FGO J . -8.39 -16.34 -23.34
C20 FGO J . -9.55 -15.39 -23.60
O9 FGO J . -10.49 -15.34 -22.51
O10 FGO J . -10.27 -15.79 -24.77
O7 FGO J . -6.85 -14.17 -20.95
N2 FGO J . -7.01 -12.04 -21.73
N3 FGO J . -5.62 -10.34 -21.76
N5 FGO J . -8.84 -10.99 -20.54
N6 FGO J . -10.46 -9.77 -19.39
N4 FGO J . -8.46 -8.71 -19.95
O8 FGO J . -6.47 -7.75 -20.51
#